data_8PFZ
#
_entry.id   8PFZ
#
_cell.length_a   101.160
_cell.length_b   103.560
_cell.length_c   141.200
_cell.angle_alpha   90.00
_cell.angle_beta   90.00
_cell.angle_gamma   90.00
#
_symmetry.space_group_name_H-M   'C 2 2 21'
#
loop_
_entity.id
_entity.type
_entity.pdbx_description
1 polymer '3-oxoacyl-[acyl-carrier-protein] synthase 2'
2 non-polymer 'DIMETHYL SULFOXIDE'
3 non-polymer 'PHOSPHATE ION'
4 non-polymer 'FORMIC ACID'
5 non-polymer '(2~{S})-2-(1~{H}-pyrazol-3-ylcarbonylamino)butanoic acid'
6 non-polymer 'CHLORIDE ION'
7 water water
#
_entity_poly.entity_id   1
_entity_poly.type   'polypeptide(L)'
_entity_poly.pdbx_seq_one_letter_code
;GHMASMSRRRVVITGMGMLSPLGLDVPSSWEGILAGRSGIAPIEHMDLSAYSTRFGGSVKGFNVEEYLSAKEARKLDLFI
QYGLAASFQAVRDSGLEVTDANRERIGVSMGSGIGGLTNIENNCRSLFEQGPRRISPFFVPGSIINMVSGFLSIHLGLQG
PNYALTTAATTGTHSIGMAARNIAYGEADVMVAGGSEMAACGLGLGGFGAARALSTRNDEPTRASRPWDRDRDGFVLSDG
SGALVLEELEHARARGARIYAELVGFGMSGDAFHMTAPPEDGAGAARCMKNALRDAGLDPRQVDYINAHGTSTPAGDIAE
IAAVKSVFGEHAHALSMSSTKSMTGHLLGAAGAVEAIFSVLALRDQVAPPTINLDNPDEGCDLDLVAHEAKPRKIDVALS
NSFGFGGTNGTLVFRRFAD
;
_entity_poly.pdbx_strand_id   A,B
#
loop_
_chem_comp.id
_chem_comp.type
_chem_comp.name
_chem_comp.formula
CL non-polymer 'CHLORIDE ION' 'Cl -1'
DMS non-polymer 'DIMETHYL SULFOXIDE' 'C2 H6 O S'
FMT non-polymer 'FORMIC ACID' 'C H2 O2'
PO4 non-polymer 'PHOSPHATE ION' 'O4 P -3'
YQI non-polymer '(2~{S})-2-(1~{H}-pyrazol-3-ylcarbonylamino)butanoic acid' 'C8 H11 N3 O3'
#
# COMPACT_ATOMS: atom_id res chain seq x y z
N ARG A 8 -43.66 14.22 -4.90
CA ARG A 8 -44.36 13.10 -5.57
C ARG A 8 -44.87 12.12 -4.51
N ARG A 9 -44.39 10.88 -4.55
CA ARG A 9 -44.89 9.83 -3.64
C ARG A 9 -43.84 9.56 -2.56
N ARG A 10 -44.28 9.16 -1.36
CA ARG A 10 -43.36 8.96 -0.22
C ARG A 10 -42.95 7.48 -0.20
N VAL A 11 -41.74 7.20 0.29
CA VAL A 11 -41.14 5.84 0.25
C VAL A 11 -40.74 5.46 1.68
N VAL A 12 -41.19 4.29 2.12
CA VAL A 12 -40.98 3.83 3.51
C VAL A 12 -40.41 2.43 3.43
N ILE A 13 -39.75 2.03 4.51
CA ILE A 13 -39.09 0.72 4.64
C ILE A 13 -40.02 -0.17 5.45
N THR A 14 -40.45 -1.30 4.90
CA THR A 14 -41.42 -2.20 5.57
C THR A 14 -40.79 -3.57 5.82
N GLY A 15 -39.56 -3.79 5.36
CA GLY A 15 -38.94 -5.11 5.50
C GLY A 15 -37.44 -5.01 5.34
N MET A 16 -36.70 -5.88 6.03
CA MET A 16 -35.21 -5.89 6.02
C MET A 16 -34.69 -7.32 6.22
N GLY A 17 -33.53 -7.61 5.64
CA GLY A 17 -32.93 -8.94 5.74
C GLY A 17 -31.43 -8.80 5.61
N MET A 18 -30.68 -9.74 6.16
CA MET A 18 -29.21 -9.54 6.16
C MET A 18 -28.42 -10.81 6.45
N LEU A 19 -27.27 -10.96 5.81
CA LEU A 19 -26.27 -11.96 6.20
C LEU A 19 -25.04 -11.09 6.48
N SER A 20 -24.45 -11.19 7.67
CA SER A 20 -23.28 -10.35 8.03
C SER A 20 -22.29 -11.19 8.83
N PRO A 21 -21.02 -10.76 8.94
CA PRO A 21 -20.10 -11.43 9.86
C PRO A 21 -20.55 -11.49 11.33
N LEU A 22 -21.66 -10.84 11.71
CA LEU A 22 -22.15 -10.81 13.10
C LEU A 22 -23.40 -11.68 13.25
N GLY A 23 -24.02 -12.16 12.17
CA GLY A 23 -25.27 -12.91 12.29
C GLY A 23 -25.89 -13.28 10.96
N LEU A 24 -26.81 -14.24 10.99
CA LEU A 24 -27.45 -14.82 9.79
C LEU A 24 -28.80 -14.15 9.55
N ASP A 25 -29.12 -13.11 10.31
CA ASP A 25 -30.34 -12.29 10.11
C ASP A 25 -30.08 -10.90 10.69
N VAL A 26 -31.09 -10.04 10.65
CA VAL A 26 -31.00 -8.65 11.14
C VAL A 26 -30.91 -8.60 12.67
N PRO A 27 -31.83 -9.24 13.44
N PRO A 27 -31.86 -9.20 13.43
CA PRO A 27 -31.79 -9.12 14.89
CA PRO A 27 -31.80 -9.18 14.89
C PRO A 27 -30.47 -9.64 15.49
C PRO A 27 -30.44 -9.63 15.46
N SER A 28 -29.94 -10.78 15.02
CA SER A 28 -28.63 -11.34 15.48
C SER A 28 -27.45 -10.39 15.16
N SER A 29 -27.38 -9.88 13.93
CA SER A 29 -26.39 -8.86 13.52
C SER A 29 -26.50 -7.61 14.42
N TRP A 30 -27.72 -7.06 14.61
CA TRP A 30 -27.95 -5.77 15.33
C TRP A 30 -27.55 -5.91 16.82
N GLU A 31 -27.87 -7.05 17.42
CA GLU A 31 -27.49 -7.35 18.82
C GLU A 31 -25.96 -7.24 18.91
N GLY A 32 -25.24 -7.85 17.97
CA GLY A 32 -23.78 -7.81 17.92
C GLY A 32 -23.25 -6.40 17.79
N ILE A 33 -23.91 -5.58 16.98
CA ILE A 33 -23.55 -4.15 16.74
C ILE A 33 -23.67 -3.38 18.06
N LEU A 34 -24.82 -3.46 18.73
CA LEU A 34 -25.08 -2.69 19.97
C LEU A 34 -24.14 -3.17 21.11
N ALA A 35 -23.67 -4.42 21.06
CA ALA A 35 -22.72 -5.00 22.05
C ALA A 35 -21.26 -4.67 21.68
N GLY A 36 -20.99 -4.09 20.51
CA GLY A 36 -19.60 -3.76 20.14
C GLY A 36 -18.78 -5.00 19.83
N ARG A 37 -19.44 -6.07 19.38
CA ARG A 37 -18.80 -7.36 19.03
CA ARG A 37 -18.80 -7.37 19.03
C ARG A 37 -18.13 -7.26 17.65
N SER A 38 -16.92 -7.81 17.51
CA SER A 38 -16.18 -7.92 16.23
C SER A 38 -16.65 -9.15 15.48
N GLY A 39 -16.91 -9.03 14.18
CA GLY A 39 -17.20 -10.17 13.29
C GLY A 39 -15.97 -10.71 12.56
N ILE A 40 -14.79 -10.23 12.88
CA ILE A 40 -13.55 -10.51 12.09
C ILE A 40 -12.77 -11.65 12.74
N ALA A 41 -12.31 -12.60 11.94
CA ALA A 41 -11.55 -13.77 12.45
C ALA A 41 -10.64 -14.25 11.34
N PRO A 42 -9.63 -15.08 11.67
CA PRO A 42 -8.85 -15.76 10.62
C PRO A 42 -9.80 -16.50 9.66
N ILE A 43 -9.55 -16.40 8.37
CA ILE A 43 -10.37 -17.07 7.31
C ILE A 43 -10.04 -18.57 7.33
N GLU A 44 -11.08 -19.42 7.38
CA GLU A 44 -10.94 -20.90 7.55
C GLU A 44 -11.13 -21.64 6.23
N HIS A 45 -12.03 -21.16 5.36
CA HIS A 45 -12.51 -21.86 4.15
C HIS A 45 -11.41 -21.93 3.06
N MET A 46 -10.31 -21.20 3.19
CA MET A 46 -9.13 -21.36 2.29
C MET A 46 -7.83 -21.14 3.09
N ASP A 47 -6.74 -21.75 2.63
CA ASP A 47 -5.38 -21.61 3.20
C ASP A 47 -4.79 -20.30 2.69
N LEU A 48 -4.49 -19.35 3.57
CA LEU A 48 -3.93 -18.02 3.22
C LEU A 48 -2.50 -17.84 3.73
N SER A 49 -1.86 -18.91 4.22
CA SER A 49 -0.50 -18.87 4.82
C SER A 49 0.48 -18.11 3.92
N ALA A 50 0.22 -17.99 2.61
CA ALA A 50 1.06 -17.27 1.60
C ALA A 50 0.60 -15.82 1.30
N TYR A 51 -0.40 -15.30 2.00
CA TYR A 51 -0.95 -13.92 1.80
C TYR A 51 -0.56 -13.03 3.00
N SER A 52 -0.45 -11.73 2.78
CA SER A 52 -0.11 -10.73 3.82
C SER A 52 -1.33 -10.45 4.71
N THR A 53 -2.56 -10.74 4.24
CA THR A 53 -3.80 -10.63 5.05
C THR A 53 -4.47 -11.99 5.09
N ARG A 54 -4.74 -12.53 6.29
CA ARG A 54 -5.24 -13.92 6.48
C ARG A 54 -6.52 -13.93 7.30
N PHE A 55 -7.19 -12.77 7.42
CA PHE A 55 -8.40 -12.62 8.24
C PHE A 55 -9.41 -11.78 7.47
N GLY A 56 -10.65 -11.77 7.94
CA GLY A 56 -11.72 -10.94 7.37
C GLY A 56 -13.05 -11.28 8.00
N GLY A 57 -14.15 -10.80 7.41
CA GLY A 57 -15.49 -10.96 7.97
C GLY A 57 -16.25 -11.98 7.15
N SER A 58 -16.31 -13.21 7.63
CA SER A 58 -16.99 -14.35 6.97
C SER A 58 -18.40 -14.45 7.53
N VAL A 59 -19.35 -14.89 6.71
CA VAL A 59 -20.64 -15.35 7.23
C VAL A 59 -20.38 -16.75 7.84
N LYS A 60 -20.67 -16.93 9.12
CA LYS A 60 -20.47 -18.24 9.82
C LYS A 60 -21.77 -19.03 9.84
N GLY A 61 -21.76 -20.24 9.28
CA GLY A 61 -22.86 -21.22 9.42
C GLY A 61 -23.99 -20.97 8.44
N PHE A 62 -23.68 -20.35 7.30
CA PHE A 62 -24.70 -20.11 6.24
C PHE A 62 -25.21 -21.46 5.75
N ASN A 63 -26.52 -21.63 5.75
CA ASN A 63 -27.19 -22.85 5.27
C ASN A 63 -28.12 -22.44 4.11
N VAL A 64 -27.63 -22.55 2.88
CA VAL A 64 -28.37 -22.14 1.65
C VAL A 64 -29.65 -22.96 1.51
N GLU A 65 -29.69 -24.16 2.11
CA GLU A 65 -30.86 -25.07 2.00
C GLU A 65 -32.07 -24.46 2.71
N GLU A 66 -31.85 -23.56 3.67
CA GLU A 66 -32.93 -22.75 4.30
C GLU A 66 -33.68 -21.94 3.25
N TYR A 67 -33.09 -21.71 2.07
CA TYR A 67 -33.63 -20.77 1.06
C TYR A 67 -33.90 -21.46 -0.28
N LEU A 68 -32.96 -22.29 -0.76
CA LEU A 68 -33.01 -22.96 -2.08
C LEU A 68 -32.87 -24.47 -1.90
N SER A 69 -33.26 -25.24 -2.93
CA SER A 69 -32.87 -26.66 -3.13
C SER A 69 -31.38 -26.74 -3.43
N ALA A 70 -30.77 -27.91 -3.21
CA ALA A 70 -29.31 -28.10 -3.33
C ALA A 70 -28.90 -28.08 -4.80
N LYS A 71 -29.79 -28.50 -5.70
CA LYS A 71 -29.49 -28.45 -7.15
C LYS A 71 -29.43 -26.98 -7.55
N GLU A 72 -30.50 -26.23 -7.26
CA GLU A 72 -30.58 -24.76 -7.52
C GLU A 72 -29.29 -24.10 -7.05
N ALA A 73 -28.99 -24.24 -5.76
CA ALA A 73 -27.87 -23.60 -5.02
C ALA A 73 -26.53 -23.88 -5.71
N ARG A 74 -26.32 -25.10 -6.19
CA ARG A 74 -25.03 -25.59 -6.72
C ARG A 74 -24.73 -24.90 -8.06
N LYS A 75 -25.74 -24.28 -8.69
CA LYS A 75 -25.58 -23.51 -9.95
C LYS A 75 -25.12 -22.07 -9.66
N LEU A 76 -25.23 -21.58 -8.41
CA LEU A 76 -25.11 -20.13 -8.09
C LEU A 76 -23.86 -19.85 -7.25
N ASP A 77 -23.04 -18.88 -7.67
CA ASP A 77 -21.95 -18.32 -6.82
C ASP A 77 -22.52 -17.86 -5.48
N LEU A 78 -21.70 -17.89 -4.44
CA LEU A 78 -22.11 -17.56 -3.05
C LEU A 78 -22.66 -16.13 -2.97
N PHE A 79 -22.16 -15.19 -3.77
CA PHE A 79 -22.67 -13.79 -3.67
C PHE A 79 -24.16 -13.83 -4.01
N ILE A 80 -24.55 -14.68 -4.97
CA ILE A 80 -25.98 -14.75 -5.39
C ILE A 80 -26.75 -15.45 -4.26
N GLN A 81 -26.20 -16.49 -3.68
CA GLN A 81 -26.86 -17.18 -2.53
C GLN A 81 -27.07 -16.18 -1.38
N TYR A 82 -26.08 -15.35 -1.11
CA TYR A 82 -26.15 -14.40 0.05
C TYR A 82 -27.24 -13.37 -0.26
N GLY A 83 -27.27 -12.91 -1.50
CA GLY A 83 -28.23 -11.89 -1.98
C GLY A 83 -29.65 -12.42 -1.91
N LEU A 84 -29.87 -13.67 -2.33
CA LEU A 84 -31.23 -14.26 -2.27
C LEU A 84 -31.68 -14.44 -0.82
N ALA A 85 -30.77 -14.85 0.06
CA ALA A 85 -31.02 -15.01 1.52
C ALA A 85 -31.54 -13.70 2.12
N ALA A 86 -30.77 -12.61 1.99
CA ALA A 86 -31.17 -11.28 2.50
C ALA A 86 -32.50 -10.86 1.87
N SER A 87 -32.68 -11.12 0.56
CA SER A 87 -33.89 -10.70 -0.20
C SER A 87 -35.12 -11.48 0.31
N PHE A 88 -35.01 -12.80 0.45
CA PHE A 88 -36.12 -13.63 1.01
C PHE A 88 -36.49 -13.16 2.42
N GLN A 89 -35.49 -12.97 3.29
CA GLN A 89 -35.69 -12.48 4.68
C GLN A 89 -36.50 -11.18 4.64
N ALA A 90 -36.13 -10.24 3.75
CA ALA A 90 -36.75 -8.89 3.73
C ALA A 90 -38.20 -9.03 3.29
N VAL A 91 -38.50 -9.84 2.28
CA VAL A 91 -39.87 -9.95 1.75
C VAL A 91 -40.73 -10.63 2.84
N ARG A 92 -40.22 -11.70 3.46
CA ARG A 92 -40.93 -12.36 4.58
C ARG A 92 -41.23 -11.30 5.65
N ASP A 93 -40.25 -10.47 5.98
CA ASP A 93 -40.29 -9.48 7.08
C ASP A 93 -41.35 -8.41 6.78
N SER A 94 -41.61 -8.10 5.51
CA SER A 94 -42.54 -7.02 5.08
C SER A 94 -43.99 -7.48 5.29
N GLY A 95 -44.24 -8.78 5.19
CA GLY A 95 -45.60 -9.37 5.25
C GLY A 95 -46.32 -9.19 3.92
N LEU A 96 -45.63 -8.70 2.88
CA LEU A 96 -46.28 -8.47 1.57
C LEU A 96 -46.67 -9.80 0.94
N GLU A 97 -47.85 -9.83 0.35
CA GLU A 97 -48.39 -10.95 -0.46
C GLU A 97 -48.39 -10.53 -1.93
N VAL A 98 -47.65 -11.25 -2.75
CA VAL A 98 -47.50 -11.04 -4.22
C VAL A 98 -48.70 -11.71 -4.91
N THR A 99 -49.49 -10.95 -5.67
CA THR A 99 -50.71 -11.44 -6.37
C THR A 99 -50.61 -10.98 -7.82
N ASP A 100 -51.51 -11.48 -8.68
CA ASP A 100 -51.71 -10.99 -10.06
C ASP A 100 -52.02 -9.49 -10.05
N ALA A 101 -52.67 -9.00 -9.00
CA ALA A 101 -53.05 -7.56 -8.88
C ALA A 101 -51.83 -6.65 -8.61
N ASN A 102 -50.70 -7.16 -8.11
CA ASN A 102 -49.55 -6.29 -7.72
C ASN A 102 -48.20 -6.75 -8.27
N ARG A 103 -48.07 -7.95 -8.85
CA ARG A 103 -46.73 -8.51 -9.21
C ARG A 103 -46.02 -7.62 -10.24
N GLU A 104 -46.77 -6.86 -11.05
CA GLU A 104 -46.16 -5.94 -12.06
C GLU A 104 -45.59 -4.69 -11.38
N ARG A 105 -45.95 -4.42 -10.10
CA ARG A 105 -45.66 -3.18 -9.34
C ARG A 105 -44.54 -3.45 -8.33
N ILE A 106 -43.94 -4.64 -8.37
CA ILE A 106 -42.88 -5.09 -7.42
C ILE A 106 -41.64 -5.44 -8.23
N GLY A 107 -40.58 -4.67 -8.07
CA GLY A 107 -39.28 -4.90 -8.74
C GLY A 107 -38.16 -5.23 -7.77
N VAL A 108 -36.95 -5.32 -8.31
CA VAL A 108 -35.73 -5.78 -7.60
C VAL A 108 -34.55 -4.99 -8.15
N SER A 109 -33.72 -4.45 -7.26
CA SER A 109 -32.41 -3.80 -7.52
C SER A 109 -31.42 -4.29 -6.49
N MET A 110 -30.85 -5.45 -6.72
CA MET A 110 -29.83 -6.07 -5.85
C MET A 110 -28.50 -6.01 -6.62
N GLY A 111 -27.49 -5.39 -6.05
CA GLY A 111 -26.21 -5.18 -6.76
C GLY A 111 -25.09 -5.92 -6.12
N SER A 112 -23.93 -5.90 -6.76
CA SER A 112 -22.70 -6.44 -6.16
C SER A 112 -21.50 -5.65 -6.71
N GLY A 113 -20.43 -5.55 -5.92
CA GLY A 113 -19.19 -4.85 -6.31
C GLY A 113 -18.39 -5.67 -7.31
N ILE A 114 -18.08 -6.91 -6.94
CA ILE A 114 -17.15 -7.83 -7.68
C ILE A 114 -17.93 -9.02 -8.26
N GLY A 115 -19.07 -9.40 -7.70
CA GLY A 115 -19.87 -10.52 -8.23
C GLY A 115 -19.21 -11.87 -7.95
N GLY A 116 -19.21 -12.76 -8.95
CA GLY A 116 -18.91 -14.19 -8.76
C GLY A 116 -17.44 -14.47 -8.98
N LEU A 117 -16.56 -13.75 -8.27
CA LEU A 117 -15.09 -13.94 -8.37
C LEU A 117 -14.75 -15.40 -8.03
N THR A 118 -15.38 -15.99 -7.01
CA THR A 118 -15.11 -17.41 -6.64
C THR A 118 -15.41 -18.31 -7.84
N ASN A 119 -16.59 -18.19 -8.45
CA ASN A 119 -16.98 -19.05 -9.61
C ASN A 119 -16.00 -18.83 -10.75
N ILE A 120 -15.67 -17.58 -11.03
CA ILE A 120 -14.76 -17.24 -12.17
C ILE A 120 -13.44 -17.96 -11.92
N GLU A 121 -12.91 -17.87 -10.70
CA GLU A 121 -11.61 -18.47 -10.29
C GLU A 121 -11.67 -19.99 -10.54
N ASN A 122 -12.70 -20.68 -10.04
CA ASN A 122 -12.87 -22.16 -10.16
C ASN A 122 -13.12 -22.60 -11.61
N ASN A 123 -13.79 -21.79 -12.45
CA ASN A 123 -13.96 -22.13 -13.88
C ASN A 123 -12.65 -21.88 -14.63
N CYS A 124 -11.93 -20.82 -14.28
CA CYS A 124 -10.56 -20.52 -14.75
C CYS A 124 -9.63 -21.72 -14.53
N ARG A 125 -9.65 -22.30 -13.33
CA ARG A 125 -8.82 -23.49 -12.99
C ARG A 125 -9.10 -24.55 -14.06
N SER A 126 -10.36 -24.97 -14.20
CA SER A 126 -10.84 -25.99 -15.16
C SER A 126 -10.37 -25.67 -16.58
N LEU A 127 -10.55 -24.43 -17.03
CA LEU A 127 -10.16 -23.93 -18.37
C LEU A 127 -8.66 -24.15 -18.63
N PHE A 128 -7.79 -23.83 -17.68
CA PHE A 128 -6.31 -23.83 -17.89
C PHE A 128 -5.78 -25.25 -17.83
N GLU A 129 -6.27 -26.03 -16.85
CA GLU A 129 -5.95 -27.46 -16.65
C GLU A 129 -6.48 -28.26 -17.85
N GLN A 130 -7.77 -28.12 -18.17
CA GLN A 130 -8.54 -29.14 -18.94
C GLN A 130 -9.26 -28.55 -20.16
N GLY A 131 -9.01 -27.28 -20.51
CA GLY A 131 -9.56 -26.63 -21.72
C GLY A 131 -11.05 -26.30 -21.61
N PRO A 132 -11.61 -25.59 -22.62
CA PRO A 132 -12.88 -24.88 -22.48
C PRO A 132 -14.11 -25.75 -22.17
N ARG A 133 -14.05 -27.04 -22.50
CA ARG A 133 -15.20 -27.98 -22.34
C ARG A 133 -15.43 -28.32 -20.86
N ARG A 134 -14.49 -28.01 -19.96
CA ARG A 134 -14.70 -28.27 -18.51
C ARG A 134 -15.49 -27.11 -17.87
N ILE A 135 -15.68 -25.98 -18.56
CA ILE A 135 -16.45 -24.81 -18.04
C ILE A 135 -17.90 -25.24 -17.80
N SER A 136 -18.49 -24.88 -16.66
CA SER A 136 -19.89 -25.25 -16.32
C SER A 136 -20.86 -24.55 -17.28
N PRO A 137 -21.92 -25.26 -17.75
CA PRO A 137 -22.99 -24.65 -18.54
C PRO A 137 -23.68 -23.50 -17.80
N PHE A 138 -23.62 -23.52 -16.47
CA PHE A 138 -24.29 -22.52 -15.60
C PHE A 138 -23.32 -21.40 -15.23
N PHE A 139 -22.10 -21.36 -15.81
CA PHE A 139 -21.02 -20.41 -15.45
C PHE A 139 -21.54 -18.97 -15.60
N VAL A 140 -22.07 -18.60 -16.77
CA VAL A 140 -22.56 -17.21 -17.04
C VAL A 140 -23.75 -16.90 -16.14
N PRO A 141 -24.91 -17.60 -16.25
CA PRO A 141 -26.08 -17.28 -15.41
C PRO A 141 -25.86 -17.41 -13.90
N GLY A 142 -24.87 -18.17 -13.45
CA GLY A 142 -24.61 -18.33 -12.01
C GLY A 142 -23.55 -17.37 -11.49
N SER A 143 -23.00 -16.50 -12.34
CA SER A 143 -21.85 -15.63 -11.99
C SER A 143 -22.14 -14.13 -12.21
N ILE A 144 -23.02 -13.77 -13.16
CA ILE A 144 -23.26 -12.35 -13.55
C ILE A 144 -24.07 -11.65 -12.45
N ILE A 145 -23.77 -10.36 -12.24
CA ILE A 145 -24.18 -9.64 -11.02
C ILE A 145 -25.71 -9.52 -11.00
N ASN A 146 -26.37 -9.41 -12.14
CA ASN A 146 -27.84 -9.18 -12.18
C ASN A 146 -28.64 -10.46 -11.86
N MET A 147 -28.00 -11.59 -11.55
CA MET A 147 -28.75 -12.85 -11.34
C MET A 147 -29.34 -12.91 -9.91
N VAL A 148 -28.95 -12.03 -8.98
CA VAL A 148 -29.73 -11.88 -7.72
C VAL A 148 -31.09 -11.31 -8.09
N SER A 149 -31.13 -10.18 -8.81
CA SER A 149 -32.39 -9.60 -9.32
C SER A 149 -33.18 -10.63 -10.15
N GLY A 150 -32.48 -11.33 -11.05
CA GLY A 150 -33.08 -12.35 -11.95
C GLY A 150 -33.71 -13.48 -11.15
N PHE A 151 -32.92 -14.20 -10.35
CA PHE A 151 -33.37 -15.38 -9.56
C PHE A 151 -34.49 -14.97 -8.58
N LEU A 152 -34.37 -13.83 -7.91
CA LEU A 152 -35.38 -13.40 -6.91
C LEU A 152 -36.71 -13.16 -7.60
N SER A 153 -36.68 -12.51 -8.77
CA SER A 153 -37.90 -12.17 -9.53
C SER A 153 -38.61 -13.48 -9.96
N ILE A 154 -37.84 -14.46 -10.41
CA ILE A 154 -38.34 -15.79 -10.86
C ILE A 154 -38.94 -16.51 -9.65
N HIS A 155 -38.23 -16.55 -8.50
CA HIS A 155 -38.63 -17.32 -7.30
C HIS A 155 -39.90 -16.72 -6.69
N LEU A 156 -40.08 -15.40 -6.71
CA LEU A 156 -41.26 -14.75 -6.12
C LEU A 156 -42.26 -14.24 -7.15
N GLY A 157 -42.02 -14.39 -8.47
CA GLY A 157 -42.94 -13.89 -9.51
C GLY A 157 -43.03 -12.35 -9.57
N LEU A 158 -41.90 -11.66 -9.38
CA LEU A 158 -41.79 -10.19 -9.36
C LEU A 158 -41.52 -9.69 -10.79
N GLN A 159 -42.40 -8.86 -11.32
CA GLN A 159 -42.37 -8.51 -12.77
C GLN A 159 -42.12 -7.01 -12.96
N GLY A 160 -41.80 -6.32 -11.87
CA GLY A 160 -41.53 -4.88 -11.89
C GLY A 160 -40.13 -4.60 -12.44
N PRO A 161 -39.65 -3.35 -12.29
CA PRO A 161 -38.31 -2.97 -12.74
C PRO A 161 -37.29 -3.94 -12.13
N ASN A 162 -36.37 -4.40 -12.95
CA ASN A 162 -35.42 -5.47 -12.64
C ASN A 162 -34.01 -5.06 -13.09
N TYR A 163 -33.10 -4.75 -12.17
CA TYR A 163 -31.74 -4.32 -12.57
C TYR A 163 -30.75 -4.49 -11.42
N ALA A 164 -29.48 -4.19 -11.71
CA ALA A 164 -28.34 -4.38 -10.79
C ALA A 164 -27.30 -3.29 -11.03
N LEU A 165 -26.90 -2.64 -9.93
CA LEU A 165 -25.81 -1.63 -9.80
C LEU A 165 -24.51 -2.34 -9.45
N THR A 166 -23.38 -1.82 -9.94
CA THR A 166 -22.03 -2.29 -9.53
C THR A 166 -21.16 -1.05 -9.37
N THR A 167 -21.04 -0.56 -8.13
CA THR A 167 -20.36 0.73 -7.83
C THR A 167 -19.51 0.54 -6.58
N ALA A 168 -18.80 -0.59 -6.48
CA ALA A 168 -17.84 -0.87 -5.38
C ALA A 168 -18.56 -0.61 -4.06
N ALA A 169 -17.97 0.14 -3.12
CA ALA A 169 -18.57 0.43 -1.79
C ALA A 169 -19.92 1.13 -1.91
N THR A 170 -20.23 1.78 -3.03
CA THR A 170 -21.48 2.59 -3.14
C THR A 170 -22.65 1.73 -3.63
N THR A 171 -22.38 0.50 -4.04
CA THR A 171 -23.37 -0.41 -4.71
C THR A 171 -24.68 -0.45 -3.92
N GLY A 172 -24.65 -0.77 -2.65
CA GLY A 172 -25.89 -0.97 -1.87
C GLY A 172 -26.65 0.33 -1.70
N THR A 173 -25.93 1.45 -1.65
CA THR A 173 -26.49 2.79 -1.46
C THR A 173 -27.19 3.22 -2.75
N HIS A 174 -26.50 3.12 -3.89
CA HIS A 174 -27.07 3.38 -5.22
C HIS A 174 -28.32 2.51 -5.43
N SER A 175 -28.18 1.22 -5.08
CA SER A 175 -29.26 0.23 -5.33
C SER A 175 -30.52 0.67 -4.59
N ILE A 176 -30.41 1.10 -3.33
CA ILE A 176 -31.57 1.53 -2.50
C ILE A 176 -32.09 2.89 -3.00
N GLY A 177 -31.20 3.86 -3.27
CA GLY A 177 -31.58 5.21 -3.73
C GLY A 177 -32.36 5.16 -5.04
N MET A 178 -31.85 4.42 -6.01
CA MET A 178 -32.49 4.30 -7.34
C MET A 178 -33.77 3.48 -7.26
N ALA A 179 -33.84 2.49 -6.39
CA ALA A 179 -35.14 1.80 -6.15
C ALA A 179 -36.19 2.79 -5.59
N ALA A 180 -35.81 3.62 -4.64
CA ALA A 180 -36.66 4.69 -4.08
C ALA A 180 -37.12 5.63 -5.20
N ARG A 181 -36.20 6.00 -6.10
CA ARG A 181 -36.55 6.84 -7.28
C ARG A 181 -37.64 6.14 -8.09
N ASN A 182 -37.50 4.84 -8.40
CA ASN A 182 -38.52 4.10 -9.19
C ASN A 182 -39.89 4.23 -8.51
N ILE A 183 -39.95 4.07 -7.19
CA ILE A 183 -41.25 4.10 -6.46
C ILE A 183 -41.80 5.53 -6.51
N ALA A 184 -40.97 6.54 -6.22
CA ALA A 184 -41.36 7.96 -6.23
C ALA A 184 -41.93 8.33 -7.61
N TYR A 185 -41.31 7.84 -8.68
CA TYR A 185 -41.61 8.20 -10.09
C TYR A 185 -42.91 7.52 -10.52
N GLY A 186 -43.29 6.39 -9.92
CA GLY A 186 -44.52 5.63 -10.27
C GLY A 186 -44.24 4.37 -11.07
N GLU A 187 -42.97 4.04 -11.29
CA GLU A 187 -42.50 2.84 -12.03
C GLU A 187 -42.73 1.57 -11.20
N ALA A 188 -42.81 1.70 -9.87
CA ALA A 188 -43.09 0.55 -8.98
C ALA A 188 -43.84 1.05 -7.74
N ASP A 189 -44.53 0.16 -7.01
CA ASP A 189 -45.11 0.48 -5.67
C ASP A 189 -44.24 -0.15 -4.58
N VAL A 190 -43.46 -1.18 -4.94
CA VAL A 190 -42.54 -1.92 -4.03
C VAL A 190 -41.23 -2.24 -4.75
N MET A 191 -40.09 -2.16 -4.07
CA MET A 191 -38.80 -2.64 -4.61
C MET A 191 -38.05 -3.36 -3.51
N VAL A 192 -37.49 -4.50 -3.84
CA VAL A 192 -36.50 -5.19 -2.99
C VAL A 192 -35.13 -4.65 -3.41
N ALA A 193 -34.39 -3.96 -2.54
CA ALA A 193 -33.12 -3.33 -2.97
C ALA A 193 -32.01 -3.56 -1.94
N GLY A 194 -30.78 -3.65 -2.44
CA GLY A 194 -29.59 -3.83 -1.57
C GLY A 194 -28.45 -4.37 -2.38
N GLY A 195 -27.61 -5.17 -1.72
CA GLY A 195 -26.41 -5.73 -2.35
C GLY A 195 -25.91 -6.97 -1.66
N SER A 196 -25.00 -7.69 -2.31
CA SER A 196 -24.33 -8.86 -1.70
C SER A 196 -22.91 -8.93 -2.22
N GLU A 197 -22.06 -9.57 -1.43
CA GLU A 197 -20.64 -9.69 -1.75
C GLU A 197 -20.07 -10.96 -1.12
N MET A 198 -19.26 -11.62 -1.91
CA MET A 198 -18.41 -12.76 -1.46
CA MET A 198 -18.37 -12.70 -1.40
C MET A 198 -17.15 -12.74 -2.32
N ALA A 199 -16.21 -11.87 -2.00
CA ALA A 199 -14.98 -11.65 -2.77
C ALA A 199 -13.77 -12.24 -2.01
N ALA A 200 -14.00 -13.01 -0.93
CA ALA A 200 -12.93 -13.71 -0.17
C ALA A 200 -12.58 -14.99 -0.93
N CYS A 201 -11.83 -14.82 -2.01
CA CYS A 201 -11.12 -15.90 -2.74
C CYS A 201 -9.72 -15.33 -3.04
N GLY A 202 -8.85 -16.18 -3.58
CA GLY A 202 -7.45 -15.79 -3.86
C GLY A 202 -7.40 -14.46 -4.57
N LEU A 203 -8.22 -14.30 -5.62
CA LEU A 203 -8.20 -13.10 -6.49
C LEU A 203 -8.63 -11.85 -5.71
N GLY A 204 -9.60 -11.99 -4.80
CA GLY A 204 -10.07 -10.90 -3.91
C GLY A 204 -9.00 -10.43 -2.94
N LEU A 205 -8.60 -11.30 -2.01
CA LEU A 205 -7.58 -11.02 -0.97
C LEU A 205 -6.25 -10.68 -1.65
N GLY A 206 -5.86 -11.45 -2.67
CA GLY A 206 -4.65 -11.18 -3.45
C GLY A 206 -4.74 -9.85 -4.14
N GLY A 207 -5.89 -9.56 -4.78
CA GLY A 207 -6.11 -8.32 -5.55
C GLY A 207 -6.04 -7.08 -4.68
N PHE A 208 -6.73 -7.10 -3.53
CA PHE A 208 -6.77 -5.93 -2.61
C PHE A 208 -5.41 -5.81 -1.92
N GLY A 209 -4.79 -6.95 -1.61
CA GLY A 209 -3.45 -7.02 -1.02
C GLY A 209 -2.40 -6.43 -1.93
N ALA A 210 -2.47 -6.73 -3.23
CA ALA A 210 -1.51 -6.26 -4.24
C ALA A 210 -1.66 -4.73 -4.38
N ALA A 211 -2.84 -4.18 -4.10
CA ALA A 211 -3.12 -2.73 -4.09
C ALA A 211 -2.69 -2.13 -2.73
N ARG A 212 -2.32 -2.96 -1.77
CA ARG A 212 -1.91 -2.58 -0.38
C ARG A 212 -3.09 -1.91 0.35
N ALA A 213 -4.32 -2.33 0.01
CA ALA A 213 -5.57 -1.69 0.46
C ALA A 213 -6.01 -2.26 1.82
N LEU A 214 -5.58 -3.47 2.17
CA LEU A 214 -6.08 -4.24 3.33
C LEU A 214 -5.20 -4.02 4.57
N SER A 215 -5.81 -4.02 5.75
CA SER A 215 -5.09 -4.14 7.04
C SER A 215 -4.33 -5.48 7.01
N THR A 216 -3.12 -5.50 7.55
CA THR A 216 -2.26 -6.70 7.68
C THR A 216 -2.08 -7.04 9.17
N ARG A 217 -3.03 -6.68 10.03
CA ARG A 217 -2.90 -6.92 11.50
C ARG A 217 -3.35 -8.37 11.82
N ASN A 218 -2.60 -9.35 11.33
CA ASN A 218 -2.92 -10.80 11.41
C ASN A 218 -2.91 -11.26 12.88
N ASP A 219 -2.13 -10.61 13.74
CA ASP A 219 -1.93 -11.01 15.17
C ASP A 219 -3.16 -10.66 16.02
N GLU A 220 -3.95 -9.67 15.62
CA GLU A 220 -5.18 -9.26 16.35
C GLU A 220 -6.25 -8.84 15.33
N PRO A 221 -6.87 -9.81 14.64
CA PRO A 221 -7.85 -9.49 13.60
C PRO A 221 -8.99 -8.60 14.12
N THR A 222 -9.41 -8.75 15.38
CA THR A 222 -10.60 -8.02 15.90
C THR A 222 -10.26 -6.52 16.09
N ARG A 223 -8.98 -6.18 16.18
CA ARG A 223 -8.50 -4.78 16.34
C ARG A 223 -8.06 -4.18 14.99
N ALA A 224 -8.16 -4.91 13.87
CA ALA A 224 -7.61 -4.45 12.56
C ALA A 224 -8.43 -3.26 12.02
N SER A 225 -9.75 -3.36 12.03
CA SER A 225 -10.68 -2.30 11.56
C SER A 225 -10.84 -1.27 12.67
N ARG A 226 -10.20 -0.11 12.50
CA ARG A 226 -10.11 0.94 13.54
C ARG A 226 -10.27 2.32 12.89
N PRO A 227 -11.48 2.63 12.38
CA PRO A 227 -11.73 3.87 11.66
C PRO A 227 -11.40 5.11 12.51
N TRP A 228 -10.65 6.05 11.92
CA TRP A 228 -10.18 7.34 12.50
C TRP A 228 -9.10 7.14 13.58
N ASP A 229 -8.72 5.90 13.88
CA ASP A 229 -7.62 5.61 14.84
C ASP A 229 -6.28 5.90 14.14
N ARG A 230 -5.32 6.45 14.85
CA ARG A 230 -4.02 6.83 14.26
C ARG A 230 -3.27 5.57 13.77
N ASP A 231 -3.53 4.37 14.28
CA ASP A 231 -2.76 3.16 13.87
C ASP A 231 -3.54 2.36 12.82
N ARG A 232 -4.59 2.91 12.18
CA ARG A 232 -5.32 2.20 11.09
C ARG A 232 -4.36 1.95 9.92
N ASP A 233 -4.56 0.88 9.15
CA ASP A 233 -3.60 0.42 8.10
C ASP A 233 -4.36 -0.25 6.95
N GLY A 234 -5.60 0.15 6.71
CA GLY A 234 -6.40 -0.34 5.56
C GLY A 234 -7.65 -1.06 6.02
N PHE A 235 -8.50 -1.41 5.07
CA PHE A 235 -9.82 -1.99 5.40
C PHE A 235 -9.66 -3.50 5.58
N VAL A 236 -10.70 -4.07 6.15
CA VAL A 236 -10.89 -5.52 6.35
C VAL A 236 -11.99 -5.97 5.40
N LEU A 237 -11.71 -6.99 4.60
CA LEU A 237 -12.64 -7.52 3.57
C LEU A 237 -13.65 -8.41 4.27
N SER A 238 -14.92 -8.18 4.02
CA SER A 238 -16.03 -8.91 4.67
C SER A 238 -17.03 -9.32 3.60
N ASP A 239 -17.87 -10.29 3.94
CA ASP A 239 -18.84 -10.95 3.04
C ASP A 239 -20.23 -10.79 3.62
N GLY A 240 -21.25 -10.90 2.78
CA GLY A 240 -22.64 -10.87 3.25
C GLY A 240 -23.55 -10.13 2.31
N SER A 241 -24.66 -9.62 2.86
CA SER A 241 -25.80 -9.14 2.07
C SER A 241 -26.74 -8.30 2.93
N GLY A 242 -27.39 -7.34 2.29
CA GLY A 242 -28.48 -6.57 2.88
C GLY A 242 -29.55 -6.40 1.83
N ALA A 243 -30.81 -6.47 2.23
CA ALA A 243 -31.98 -6.17 1.38
C ALA A 243 -33.02 -5.43 2.21
N LEU A 244 -33.64 -4.43 1.59
CA LEU A 244 -34.78 -3.72 2.20
C LEU A 244 -35.96 -3.86 1.23
N VAL A 245 -37.17 -3.96 1.79
CA VAL A 245 -38.43 -3.71 1.04
C VAL A 245 -38.78 -2.23 1.19
N LEU A 246 -38.64 -1.51 0.07
CA LEU A 246 -39.06 -0.12 -0.08
C LEU A 246 -40.50 -0.18 -0.60
N GLU A 247 -41.34 0.73 -0.15
CA GLU A 247 -42.79 0.69 -0.49
C GLU A 247 -43.38 2.09 -0.50
N GLU A 248 -44.30 2.35 -1.42
CA GLU A 248 -44.99 3.66 -1.45
C GLU A 248 -45.86 3.72 -0.17
N LEU A 249 -45.95 4.88 0.46
CA LEU A 249 -46.56 5.09 1.80
C LEU A 249 -48.03 4.65 1.79
N GLU A 250 -48.84 5.11 0.83
CA GLU A 250 -50.29 4.78 0.80
C GLU A 250 -50.45 3.29 0.55
N HIS A 251 -49.64 2.71 -0.32
CA HIS A 251 -49.60 1.25 -0.50
C HIS A 251 -49.33 0.57 0.86
N ALA A 252 -48.35 1.04 1.64
CA ALA A 252 -47.95 0.36 2.89
C ALA A 252 -49.11 0.43 3.91
N ARG A 253 -49.64 1.64 4.11
CA ARG A 253 -50.77 1.96 5.04
C ARG A 253 -52.00 1.12 4.67
N ALA A 254 -52.30 0.98 3.38
CA ALA A 254 -53.51 0.28 2.88
C ALA A 254 -53.51 -1.19 3.34
N ARG A 255 -52.34 -1.84 3.42
CA ARG A 255 -52.28 -3.26 3.85
C ARG A 255 -51.86 -3.33 5.32
N GLY A 256 -51.85 -2.19 6.03
CA GLY A 256 -51.43 -2.10 7.45
C GLY A 256 -50.04 -2.69 7.67
N ALA A 257 -49.09 -2.34 6.81
CA ALA A 257 -47.71 -2.81 6.96
C ALA A 257 -47.04 -2.16 8.17
N ARG A 258 -46.08 -2.84 8.77
CA ARG A 258 -45.29 -2.22 9.86
C ARG A 258 -44.22 -1.36 9.19
N ILE A 259 -44.20 -0.06 9.49
CA ILE A 259 -43.24 0.87 8.85
C ILE A 259 -42.08 1.14 9.81
N TYR A 260 -40.87 0.69 9.46
CA TYR A 260 -39.63 0.92 10.26
C TYR A 260 -39.22 2.38 10.25
N ALA A 261 -39.33 3.04 9.11
CA ALA A 261 -38.78 4.39 8.87
C ALA A 261 -39.12 4.87 7.45
N GLU A 262 -38.85 6.14 7.20
CA GLU A 262 -39.03 6.76 5.88
C GLU A 262 -37.67 7.03 5.24
N LEU A 263 -37.57 6.74 3.95
CA LEU A 263 -36.43 7.10 3.08
C LEU A 263 -36.82 8.41 2.38
N VAL A 264 -36.21 9.50 2.83
CA VAL A 264 -36.60 10.88 2.45
C VAL A 264 -35.56 11.52 1.52
N GLY A 265 -34.32 11.03 1.46
CA GLY A 265 -33.32 11.66 0.57
C GLY A 265 -32.33 10.69 0.00
N PHE A 266 -31.89 11.01 -1.22
CA PHE A 266 -30.84 10.26 -1.92
C PHE A 266 -30.00 11.25 -2.72
N GLY A 267 -28.69 11.25 -2.43
CA GLY A 267 -27.71 12.11 -3.08
C GLY A 267 -26.59 11.32 -3.71
N MET A 268 -26.01 11.89 -4.78
CA MET A 268 -24.85 11.34 -5.50
C MET A 268 -23.87 12.45 -5.87
N SER A 269 -22.61 12.08 -6.02
CA SER A 269 -21.55 12.96 -6.58
C SER A 269 -20.40 12.09 -7.07
N GLY A 270 -19.55 12.66 -7.89
CA GLY A 270 -18.25 12.07 -8.20
C GLY A 270 -17.16 13.01 -7.76
N ASP A 271 -16.08 12.47 -7.21
CA ASP A 271 -14.86 13.24 -6.83
C ASP A 271 -14.20 13.80 -8.08
N ALA A 272 -14.18 13.02 -9.17
CA ALA A 272 -13.38 13.31 -10.38
C ALA A 272 -11.95 13.69 -9.96
N PHE A 273 -11.34 12.90 -9.09
CA PHE A 273 -10.00 13.18 -8.51
C PHE A 273 -9.06 12.00 -8.78
N HIS A 274 -9.25 10.86 -8.10
CA HIS A 274 -8.39 9.65 -8.20
CA HIS A 274 -8.41 9.65 -8.28
C HIS A 274 -9.26 8.40 -8.07
N MET A 275 -8.77 7.24 -8.51
CA MET A 275 -9.55 5.97 -8.49
C MET A 275 -9.63 5.37 -7.08
N THR A 276 -8.59 5.54 -6.25
CA THR A 276 -8.48 4.82 -4.95
C THR A 276 -8.15 5.77 -3.82
N ALA A 277 -8.17 7.08 -4.07
CA ALA A 277 -7.81 8.10 -3.08
C ALA A 277 -8.78 9.27 -3.21
N PRO A 278 -9.30 9.79 -2.08
CA PRO A 278 -10.18 10.94 -2.09
C PRO A 278 -9.42 12.26 -2.06
N PRO A 279 -10.07 13.40 -2.41
CA PRO A 279 -9.48 14.71 -2.12
C PRO A 279 -9.35 14.78 -0.59
N GLU A 280 -8.27 15.41 -0.11
CA GLU A 280 -7.92 15.49 1.34
C GLU A 280 -9.07 16.13 2.12
N ASP A 281 -9.76 17.09 1.50
CA ASP A 281 -10.88 17.83 2.12
C ASP A 281 -12.23 17.14 1.85
N GLY A 282 -12.27 15.98 1.18
CA GLY A 282 -13.54 15.25 0.99
C GLY A 282 -14.62 16.12 0.34
N ALA A 283 -14.23 16.97 -0.60
CA ALA A 283 -15.14 17.89 -1.31
C ALA A 283 -16.27 17.11 -2.01
N GLY A 284 -15.97 15.97 -2.61
CA GLY A 284 -17.02 15.20 -3.33
C GLY A 284 -18.03 14.66 -2.35
N ALA A 285 -17.53 14.15 -1.23
CA ALA A 285 -18.39 13.61 -0.15
C ALA A 285 -19.29 14.73 0.39
N ALA A 286 -18.76 15.95 0.56
CA ALA A 286 -19.54 17.13 0.99
C ALA A 286 -20.66 17.43 -0.01
N ARG A 287 -20.38 17.43 -1.31
CA ARG A 287 -21.41 17.73 -2.32
C ARG A 287 -22.52 16.67 -2.22
N CYS A 288 -22.13 15.41 -2.04
CA CYS A 288 -23.03 14.23 -2.05
C CYS A 288 -23.99 14.35 -0.88
N MET A 289 -23.45 14.61 0.32
CA MET A 289 -24.27 14.76 1.55
C MET A 289 -25.21 15.96 1.36
N LYS A 290 -24.73 17.07 0.80
CA LYS A 290 -25.59 18.26 0.61
C LYS A 290 -26.69 17.89 -0.37
N ASN A 291 -26.35 17.16 -1.46
CA ASN A 291 -27.37 16.73 -2.47
C ASN A 291 -28.46 15.91 -1.78
N ALA A 292 -28.09 14.97 -0.93
CA ALA A 292 -29.04 14.12 -0.18
C ALA A 292 -29.95 14.96 0.72
N LEU A 293 -29.37 15.90 1.48
CA LEU A 293 -30.13 16.78 2.40
C LEU A 293 -31.10 17.66 1.62
N ARG A 294 -30.65 18.22 0.50
CA ARG A 294 -31.51 19.03 -0.43
C ARG A 294 -32.62 18.15 -0.98
N ASP A 295 -32.33 16.91 -1.38
CA ASP A 295 -33.37 15.98 -1.88
C ASP A 295 -34.40 15.72 -0.77
N ALA A 296 -33.98 15.68 0.50
CA ALA A 296 -34.83 15.36 1.67
C ALA A 296 -35.57 16.60 2.18
N GLY A 297 -35.25 17.79 1.68
CA GLY A 297 -35.80 19.03 2.20
C GLY A 297 -35.35 19.27 3.63
N LEU A 298 -34.12 18.88 3.96
CA LEU A 298 -33.58 19.02 5.34
C LEU A 298 -32.41 19.98 5.34
N ASP A 299 -32.29 20.69 6.45
CA ASP A 299 -31.13 21.52 6.82
C ASP A 299 -30.16 20.61 7.56
N PRO A 300 -28.81 20.81 7.43
CA PRO A 300 -27.83 19.99 8.14
C PRO A 300 -28.12 19.87 9.64
N ARG A 301 -28.64 20.93 10.25
CA ARG A 301 -28.87 20.97 11.72
C ARG A 301 -29.90 19.91 12.10
N GLN A 302 -30.69 19.37 11.15
CA GLN A 302 -31.73 18.36 11.48
C GLN A 302 -31.16 16.93 11.53
N VAL A 303 -29.88 16.75 11.18
CA VAL A 303 -29.23 15.41 11.19
C VAL A 303 -28.73 15.11 12.60
N ASP A 304 -29.07 13.93 13.13
CA ASP A 304 -28.69 13.47 14.49
C ASP A 304 -27.59 12.38 14.44
N TYR A 305 -27.65 11.48 13.46
CA TYR A 305 -26.74 10.31 13.34
C TYR A 305 -26.27 10.15 11.87
N ILE A 306 -24.97 9.92 11.70
CA ILE A 306 -24.32 9.49 10.42
C ILE A 306 -23.71 8.11 10.58
N ASN A 307 -24.15 7.17 9.78
CA ASN A 307 -23.45 5.88 9.60
C ASN A 307 -22.43 6.13 8.48
N ALA A 308 -21.18 6.26 8.88
CA ALA A 308 -20.06 6.73 8.03
C ALA A 308 -19.68 5.65 7.02
N HIS A 309 -18.99 6.07 5.99
CA HIS A 309 -18.21 5.17 5.10
C HIS A 309 -17.11 4.50 5.95
N GLY A 310 -16.24 5.31 6.57
CA GLY A 310 -15.24 4.95 7.61
C GLY A 310 -14.71 3.54 7.45
N THR A 311 -13.90 3.30 6.42
CA THR A 311 -13.38 1.94 6.10
C THR A 311 -12.07 1.58 6.81
N SER A 312 -11.45 2.50 7.56
CA SER A 312 -10.17 2.29 8.27
C SER A 312 -8.98 2.48 7.32
N THR A 313 -9.09 3.41 6.38
CA THR A 313 -7.98 3.74 5.45
C THR A 313 -7.33 5.06 5.88
N PRO A 314 -6.01 5.23 5.67
CA PRO A 314 -5.35 6.50 5.99
C PRO A 314 -6.02 7.76 5.41
N ALA A 315 -6.15 7.80 4.08
CA ALA A 315 -6.62 8.98 3.31
C ALA A 315 -8.16 9.12 3.44
N GLY A 316 -8.89 8.00 3.41
CA GLY A 316 -10.37 8.01 3.41
C GLY A 316 -10.93 8.55 4.72
N ASP A 317 -10.53 8.00 5.86
CA ASP A 317 -11.23 8.30 7.15
C ASP A 317 -11.18 9.81 7.43
N ILE A 318 -10.03 10.46 7.21
CA ILE A 318 -9.85 11.89 7.57
C ILE A 318 -10.57 12.75 6.52
N ALA A 319 -10.60 12.35 5.25
CA ALA A 319 -11.34 13.11 4.22
C ALA A 319 -12.83 13.15 4.61
N GLU A 320 -13.37 12.09 5.21
CA GLU A 320 -14.80 12.04 5.60
C GLU A 320 -15.05 13.03 6.75
N ILE A 321 -14.13 13.13 7.72
CA ILE A 321 -14.22 14.11 8.84
C ILE A 321 -14.28 15.51 8.21
N ALA A 322 -13.35 15.81 7.32
CA ALA A 322 -13.27 17.12 6.63
C ALA A 322 -14.63 17.43 5.96
N ALA A 323 -15.23 16.46 5.29
CA ALA A 323 -16.51 16.63 4.57
C ALA A 323 -17.64 16.95 5.54
N VAL A 324 -17.75 16.17 6.63
CA VAL A 324 -18.80 16.36 7.67
C VAL A 324 -18.62 17.74 8.33
N LYS A 325 -17.39 18.15 8.64
CA LYS A 325 -17.11 19.49 9.23
C LYS A 325 -17.54 20.57 8.21
N SER A 326 -17.24 20.41 6.93
CA SER A 326 -17.64 21.39 5.88
CA SER A 326 -17.64 21.39 5.87
C SER A 326 -19.16 21.49 5.79
N VAL A 327 -19.85 20.35 5.75
CA VAL A 327 -21.32 20.31 5.53
C VAL A 327 -22.04 20.84 6.78
N PHE A 328 -21.64 20.39 7.97
CA PHE A 328 -22.48 20.52 9.19
C PHE A 328 -22.05 21.72 10.04
N GLY A 329 -20.90 22.34 9.77
CA GLY A 329 -20.39 23.47 10.57
C GLY A 329 -20.41 23.14 12.06
N GLU A 330 -20.92 24.06 12.89
CA GLU A 330 -20.86 23.86 14.36
C GLU A 330 -21.72 22.65 14.75
N HIS A 331 -22.75 22.31 13.97
CA HIS A 331 -23.62 21.16 14.27
C HIS A 331 -22.82 19.86 14.13
N ALA A 332 -21.64 19.88 13.51
CA ALA A 332 -20.80 18.68 13.34
C ALA A 332 -20.42 18.15 14.73
N HIS A 333 -20.38 19.00 15.75
CA HIS A 333 -20.04 18.61 17.15
C HIS A 333 -21.29 18.20 17.93
N ALA A 334 -22.49 18.35 17.38
CA ALA A 334 -23.75 17.97 18.07
C ALA A 334 -24.21 16.58 17.61
N LEU A 335 -24.07 16.26 16.32
CA LEU A 335 -24.49 14.96 15.76
C LEU A 335 -23.51 13.86 16.21
N SER A 336 -23.97 12.63 16.16
CA SER A 336 -23.15 11.41 16.37
C SER A 336 -22.87 10.77 15.02
N MET A 337 -21.61 10.43 14.76
CA MET A 337 -21.20 9.70 13.55
C MET A 337 -20.45 8.42 13.97
N SER A 338 -20.81 7.26 13.44
CA SER A 338 -20.04 6.02 13.75
C SER A 338 -19.79 5.20 12.50
N SER A 339 -18.70 4.43 12.52
CA SER A 339 -18.48 3.39 11.49
C SER A 339 -18.72 2.01 12.10
N THR A 340 -19.80 1.35 11.66
CA THR A 340 -20.11 -0.04 12.01
C THR A 340 -19.10 -0.98 11.36
N LYS A 341 -18.25 -0.49 10.44
CA LYS A 341 -17.21 -1.33 9.80
C LYS A 341 -16.11 -1.65 10.81
N SER A 342 -16.05 -0.90 11.91
CA SER A 342 -15.21 -1.18 13.09
C SER A 342 -15.49 -2.62 13.51
N MET A 343 -16.75 -3.06 13.39
CA MET A 343 -17.23 -4.39 13.84
C MET A 343 -17.41 -5.35 12.66
N THR A 344 -18.01 -4.90 11.56
CA THR A 344 -18.39 -5.79 10.43
C THR A 344 -17.27 -5.95 9.42
N GLY A 345 -16.31 -5.03 9.41
CA GLY A 345 -15.42 -4.78 8.28
C GLY A 345 -16.20 -4.26 7.08
N HIS A 346 -15.52 -4.28 5.92
CA HIS A 346 -16.06 -3.69 4.67
C HIS A 346 -16.68 -4.77 3.77
N LEU A 347 -18.00 -4.76 3.70
CA LEU A 347 -18.75 -5.76 2.87
C LEU A 347 -18.86 -5.26 1.42
N LEU A 348 -18.12 -4.22 1.03
CA LEU A 348 -18.07 -3.74 -0.37
C LEU A 348 -19.47 -3.55 -0.93
N GLY A 349 -19.88 -4.36 -1.89
CA GLY A 349 -21.16 -4.13 -2.59
C GLY A 349 -22.34 -4.29 -1.64
N ALA A 350 -22.15 -4.95 -0.48
CA ALA A 350 -23.23 -5.13 0.52
C ALA A 350 -23.11 -4.06 1.59
N ALA A 351 -22.02 -3.31 1.64
CA ALA A 351 -21.78 -2.36 2.75
C ALA A 351 -22.96 -1.39 2.87
N GLY A 352 -23.38 -0.79 1.75
CA GLY A 352 -24.44 0.25 1.77
C GLY A 352 -25.78 -0.31 2.17
N ALA A 353 -26.04 -1.58 1.88
CA ALA A 353 -27.31 -2.25 2.25
C ALA A 353 -27.33 -2.51 3.76
N VAL A 354 -26.29 -3.14 4.30
CA VAL A 354 -26.30 -3.48 5.76
C VAL A 354 -26.25 -2.17 6.56
N GLU A 355 -25.60 -1.12 6.05
CA GLU A 355 -25.46 0.14 6.81
C GLU A 355 -26.75 0.96 6.74
N ALA A 356 -27.51 0.82 5.66
CA ALA A 356 -28.89 1.34 5.58
C ALA A 356 -29.75 0.69 6.67
N ILE A 357 -29.63 -0.63 6.83
CA ILE A 357 -30.41 -1.37 7.86
C ILE A 357 -30.01 -0.87 9.26
N PHE A 358 -28.71 -0.74 9.53
CA PHE A 358 -28.22 -0.21 10.84
C PHE A 358 -28.72 1.22 11.05
N SER A 359 -28.81 2.04 9.99
CA SER A 359 -29.32 3.43 10.08
C SER A 359 -30.81 3.42 10.45
N VAL A 360 -31.57 2.51 9.87
CA VAL A 360 -33.03 2.38 10.15
C VAL A 360 -33.21 1.88 11.59
N LEU A 361 -32.40 0.93 12.02
CA LEU A 361 -32.49 0.37 13.39
C LEU A 361 -32.03 1.40 14.41
N ALA A 362 -31.10 2.29 14.06
CA ALA A 362 -30.69 3.41 14.94
C ALA A 362 -31.91 4.30 15.23
N LEU A 363 -32.73 4.52 14.21
CA LEU A 363 -33.99 5.29 14.34
C LEU A 363 -34.98 4.49 15.20
N ARG A 364 -35.10 3.17 14.99
CA ARG A 364 -36.08 2.35 15.72
C ARG A 364 -35.71 2.36 17.21
N ASP A 365 -34.43 2.14 17.53
CA ASP A 365 -33.98 1.82 18.90
C ASP A 365 -33.45 3.09 19.57
N GLN A 366 -33.40 4.21 18.86
CA GLN A 366 -32.88 5.49 19.38
C GLN A 366 -31.51 5.26 20.02
N VAL A 367 -30.58 4.74 19.24
CA VAL A 367 -29.20 4.42 19.71
C VAL A 367 -28.22 4.54 18.54
N ALA A 368 -27.11 5.25 18.77
CA ALA A 368 -25.95 5.34 17.87
C ALA A 368 -25.05 4.13 18.11
N PRO A 369 -24.91 3.23 17.12
CA PRO A 369 -23.95 2.14 17.21
C PRO A 369 -22.57 2.70 17.46
N PRO A 370 -21.66 1.95 18.13
CA PRO A 370 -20.32 2.45 18.41
C PRO A 370 -19.36 2.36 17.21
N THR A 371 -18.31 3.16 17.23
CA THR A 371 -17.06 2.88 16.50
C THR A 371 -16.13 2.18 17.51
N ILE A 372 -16.02 0.85 17.42
CA ILE A 372 -15.05 0.10 18.27
C ILE A 372 -13.63 0.31 17.74
N ASN A 373 -12.63 0.05 18.60
CA ASN A 373 -11.18 0.11 18.32
C ASN A 373 -10.70 1.55 18.19
N LEU A 374 -11.53 2.57 18.47
CA LEU A 374 -11.13 3.98 18.35
C LEU A 374 -10.37 4.38 19.63
N ASP A 375 -9.14 3.88 19.78
CA ASP A 375 -8.33 4.04 21.00
C ASP A 375 -7.66 5.41 21.01
N ASN A 376 -7.09 5.82 19.88
CA ASN A 376 -6.35 7.09 19.72
C ASN A 376 -6.83 7.81 18.46
N PRO A 377 -7.88 8.65 18.57
CA PRO A 377 -8.40 9.38 17.41
C PRO A 377 -7.29 10.22 16.76
N ASP A 378 -7.23 10.21 15.44
CA ASP A 378 -6.13 10.86 14.69
C ASP A 378 -6.37 12.38 14.70
N GLU A 379 -5.38 13.15 14.28
CA GLU A 379 -5.46 14.64 14.23
C GLU A 379 -6.74 15.07 13.51
N GLY A 380 -7.54 15.92 14.12
CA GLY A 380 -8.74 16.49 13.50
C GLY A 380 -9.95 15.60 13.69
N CYS A 381 -9.80 14.39 14.25
CA CYS A 381 -10.91 13.43 14.40
C CYS A 381 -11.55 13.63 15.78
N ASP A 382 -12.11 14.82 16.02
CA ASP A 382 -12.51 15.31 17.37
C ASP A 382 -14.03 15.42 17.45
N LEU A 383 -14.77 14.72 16.58
CA LEU A 383 -16.25 14.71 16.60
C LEU A 383 -16.70 13.64 17.60
N ASP A 384 -18.00 13.58 17.88
CA ASP A 384 -18.62 12.42 18.54
C ASP A 384 -18.66 11.24 17.55
N LEU A 385 -17.64 10.39 17.62
CA LEU A 385 -17.47 9.18 16.77
C LEU A 385 -17.97 7.97 17.53
N VAL A 386 -18.77 8.18 18.57
CA VAL A 386 -19.38 7.06 19.38
C VAL A 386 -18.32 6.00 19.68
N ALA A 387 -17.17 6.44 20.17
CA ALA A 387 -16.03 5.52 20.42
C ALA A 387 -16.35 4.42 21.43
N HIS A 388 -16.00 3.18 21.10
CA HIS A 388 -16.07 2.04 22.06
C HIS A 388 -17.47 1.54 22.37
N GLU A 389 -18.39 2.40 22.81
CA GLU A 389 -19.71 1.90 23.30
C GLU A 389 -20.90 2.57 22.63
N ALA A 390 -21.99 1.82 22.47
CA ALA A 390 -23.23 2.37 21.87
C ALA A 390 -23.67 3.59 22.71
N LYS A 391 -24.22 4.62 22.07
CA LYS A 391 -24.80 5.79 22.78
C LYS A 391 -26.29 5.95 22.46
N PRO A 392 -27.17 5.53 23.40
CA PRO A 392 -28.58 5.94 23.41
C PRO A 392 -28.67 7.47 23.31
N ARG A 393 -29.50 7.95 22.39
CA ARG A 393 -29.69 9.40 22.16
C ARG A 393 -30.89 9.57 21.24
N LYS A 394 -31.30 10.82 21.11
CA LYS A 394 -32.42 11.21 20.23
C LYS A 394 -31.93 11.12 18.79
N ILE A 395 -32.62 10.34 17.93
CA ILE A 395 -32.30 10.29 16.48
C ILE A 395 -33.60 10.44 15.67
N ASP A 396 -33.78 11.59 15.02
CA ASP A 396 -34.94 11.81 14.11
C ASP A 396 -34.50 11.51 12.69
N VAL A 397 -33.27 11.88 12.37
CA VAL A 397 -32.70 11.81 11.00
C VAL A 397 -31.35 11.10 11.04
N ALA A 398 -31.17 10.08 10.19
CA ALA A 398 -29.93 9.28 10.04
C ALA A 398 -29.45 9.33 8.58
N LEU A 399 -28.17 9.61 8.37
CA LEU A 399 -27.53 9.57 7.02
C LEU A 399 -26.68 8.32 6.94
N SER A 400 -26.55 7.73 5.75
CA SER A 400 -25.62 6.62 5.48
C SER A 400 -24.78 7.01 4.27
N ASN A 401 -23.47 7.00 4.45
CA ASN A 401 -22.49 7.43 3.43
C ASN A 401 -21.79 6.22 2.85
N SER A 402 -21.53 6.29 1.55
CA SER A 402 -20.76 5.30 0.78
C SER A 402 -19.90 6.04 -0.25
N PHE A 403 -18.59 5.84 -0.20
CA PHE A 403 -17.62 6.51 -1.08
C PHE A 403 -16.76 5.43 -1.72
N GLY A 404 -16.99 5.18 -3.00
CA GLY A 404 -16.48 3.99 -3.69
C GLY A 404 -15.32 4.28 -4.60
N PHE A 405 -14.56 3.24 -4.90
CA PHE A 405 -13.46 3.28 -5.89
C PHE A 405 -13.98 3.94 -7.16
N GLY A 406 -13.21 4.89 -7.70
CA GLY A 406 -13.64 5.75 -8.83
C GLY A 406 -14.09 7.10 -8.37
N GLY A 407 -14.17 7.31 -7.05
CA GLY A 407 -14.67 8.55 -6.46
C GLY A 407 -16.16 8.66 -6.58
N THR A 408 -16.87 7.52 -6.58
CA THR A 408 -18.34 7.47 -6.77
C THR A 408 -19.00 7.50 -5.39
N ASN A 409 -19.77 8.56 -5.13
CA ASN A 409 -20.36 8.84 -3.80
C ASN A 409 -21.88 8.75 -3.84
N GLY A 410 -22.42 8.24 -2.73
CA GLY A 410 -23.85 8.15 -2.50
C GLY A 410 -24.15 8.29 -1.03
N THR A 411 -25.26 8.95 -0.72
CA THR A 411 -25.73 9.23 0.65
C THR A 411 -27.24 8.97 0.69
N LEU A 412 -27.71 8.20 1.65
CA LEU A 412 -29.15 8.02 1.90
C LEU A 412 -29.54 8.75 3.19
N VAL A 413 -30.72 9.31 3.20
CA VAL A 413 -31.27 10.04 4.37
C VAL A 413 -32.55 9.32 4.78
N PHE A 414 -32.54 8.78 6.00
CA PHE A 414 -33.72 8.15 6.64
C PHE A 414 -34.26 9.05 7.74
N ARG A 415 -35.57 8.96 7.95
CA ARG A 415 -36.21 9.76 9.02
C ARG A 415 -37.27 8.90 9.75
N ARG A 416 -37.41 9.12 11.05
CA ARG A 416 -38.51 8.48 11.83
C ARG A 416 -39.81 8.80 11.11
N PHE A 417 -40.71 7.83 10.96
CA PHE A 417 -41.97 8.01 10.20
C PHE A 417 -43.03 8.62 11.12
N ARG B 8 29.52 -3.46 -26.91
CA ARG B 8 29.30 -2.07 -27.37
C ARG B 8 27.79 -1.84 -27.49
N ARG B 9 27.00 -2.69 -26.81
CA ARG B 9 25.53 -2.52 -26.76
C ARG B 9 25.19 -1.55 -25.63
N ARG B 10 23.99 -0.97 -25.65
CA ARG B 10 23.62 0.13 -24.73
C ARG B 10 22.76 -0.45 -23.61
N VAL B 11 22.92 0.13 -22.41
CA VAL B 11 22.22 -0.34 -21.18
C VAL B 11 21.37 0.80 -20.63
N VAL B 12 20.12 0.48 -20.34
CA VAL B 12 19.13 1.45 -19.79
C VAL B 12 18.52 0.86 -18.53
N ILE B 13 17.96 1.74 -17.72
CA ILE B 13 17.26 1.41 -16.46
C ILE B 13 15.76 1.45 -16.74
N THR B 14 15.07 0.33 -16.50
CA THR B 14 13.63 0.15 -16.78
C THR B 14 12.85 -0.16 -15.49
N GLY B 15 13.53 -0.29 -14.34
CA GLY B 15 12.87 -0.69 -13.08
C GLY B 15 13.73 -0.31 -11.88
N MET B 16 13.13 0.21 -10.81
CA MET B 16 13.88 0.53 -9.56
C MET B 16 13.07 0.13 -8.35
N GLY B 17 13.76 -0.20 -7.27
CA GLY B 17 13.18 -0.69 -6.02
C GLY B 17 14.04 -0.27 -4.85
N MET B 18 13.45 0.00 -3.69
CA MET B 18 14.20 0.57 -2.53
C MET B 18 13.51 0.29 -1.21
N LEU B 19 14.31 -0.02 -0.18
CA LEU B 19 14.01 0.26 1.23
C LEU B 19 15.06 1.24 1.75
N SER B 20 14.65 2.32 2.42
CA SER B 20 15.58 3.31 3.01
C SER B 20 15.06 3.82 4.34
N PRO B 21 15.91 4.50 5.13
CA PRO B 21 15.46 5.18 6.33
C PRO B 21 14.41 6.27 6.07
N LEU B 22 14.17 6.64 4.81
CA LEU B 22 13.15 7.64 4.42
C LEU B 22 11.82 7.01 3.95
N GLY B 23 11.79 5.72 3.55
CA GLY B 23 10.54 5.10 3.07
C GLY B 23 10.71 3.64 2.68
N LEU B 24 9.59 2.98 2.41
CA LEU B 24 9.52 1.53 2.07
C LEU B 24 9.43 1.30 0.56
N ASP B 25 9.60 2.34 -0.23
CA ASP B 25 9.68 2.21 -1.70
C ASP B 25 10.41 3.43 -2.21
N VAL B 26 10.58 3.53 -3.51
CA VAL B 26 11.28 4.62 -4.22
C VAL B 26 10.51 5.94 -4.06
N PRO B 27 9.21 6.04 -4.44
N PRO B 27 9.21 6.03 -4.45
CA PRO B 27 8.54 7.34 -4.42
CA PRO B 27 8.50 7.31 -4.40
C PRO B 27 8.51 7.99 -3.03
C PRO B 27 8.53 7.99 -3.03
N SER B 28 8.32 7.23 -1.95
CA SER B 28 8.29 7.73 -0.56
C SER B 28 9.69 8.17 -0.12
N SER B 29 10.72 7.35 -0.37
CA SER B 29 12.14 7.72 -0.15
C SER B 29 12.45 9.05 -0.88
N TRP B 30 12.12 9.17 -2.17
CA TRP B 30 12.46 10.36 -2.99
C TRP B 30 11.74 11.61 -2.47
N GLU B 31 10.49 11.47 -2.06
CA GLU B 31 9.70 12.59 -1.48
C GLU B 31 10.45 13.08 -0.23
N GLY B 32 10.84 12.18 0.67
CA GLY B 32 11.67 12.51 1.84
C GLY B 32 12.95 13.22 1.43
N ILE B 33 13.62 12.72 0.39
CA ILE B 33 14.89 13.32 -0.12
C ILE B 33 14.61 14.75 -0.60
N LEU B 34 13.58 14.98 -1.42
CA LEU B 34 13.35 16.33 -1.99
C LEU B 34 12.93 17.31 -0.89
N ALA B 35 12.37 16.83 0.21
CA ALA B 35 11.87 17.67 1.33
C ALA B 35 12.98 17.90 2.37
N GLY B 36 14.15 17.28 2.18
CA GLY B 36 15.28 17.47 3.11
C GLY B 36 15.01 16.83 4.45
N ARG B 37 14.22 15.75 4.48
CA ARG B 37 13.89 15.02 5.72
C ARG B 37 15.05 14.12 6.12
N SER B 38 15.30 13.99 7.42
CA SER B 38 16.27 13.04 7.99
C SER B 38 15.58 11.72 8.30
N GLY B 39 16.20 10.60 7.98
CA GLY B 39 15.73 9.27 8.39
C GLY B 39 16.45 8.77 9.63
N ILE B 40 17.20 9.64 10.32
CA ILE B 40 18.10 9.21 11.43
C ILE B 40 17.37 9.41 12.77
N ALA B 41 17.47 8.41 13.66
CA ALA B 41 16.75 8.39 14.94
C ALA B 41 17.41 7.40 15.90
N PRO B 42 17.22 7.59 17.23
CA PRO B 42 17.70 6.62 18.21
C PRO B 42 17.23 5.23 17.78
N ILE B 43 18.09 4.24 17.87
CA ILE B 43 17.77 2.84 17.45
C ILE B 43 16.88 2.20 18.52
N GLU B 44 15.69 1.75 18.14
CA GLU B 44 14.67 1.16 19.05
C GLU B 44 14.91 -0.34 19.26
N HIS B 45 15.37 -1.05 18.24
CA HIS B 45 15.32 -2.53 18.14
C HIS B 45 16.29 -3.21 19.13
N MET B 46 17.21 -2.47 19.76
CA MET B 46 18.09 -3.05 20.81
C MET B 46 18.55 -1.98 21.82
N ASP B 47 19.18 -2.42 22.91
CA ASP B 47 19.70 -1.56 24.01
C ASP B 47 21.17 -1.26 23.70
N LEU B 48 21.51 0.03 23.56
CA LEU B 48 22.84 0.51 23.12
C LEU B 48 23.46 1.44 24.16
N SER B 49 22.96 1.44 25.41
CA SER B 49 23.44 2.38 26.46
C SER B 49 24.96 2.31 26.66
N ALA B 50 25.56 1.15 26.44
CA ALA B 50 27.01 0.94 26.61
C ALA B 50 27.79 1.45 25.39
N TYR B 51 27.10 1.82 24.30
CA TYR B 51 27.72 2.21 23.01
C TYR B 51 27.88 3.73 22.96
N SER B 52 28.89 4.20 22.22
CA SER B 52 29.16 5.65 22.05
C SER B 52 28.23 6.23 20.98
N THR B 53 27.59 5.38 20.18
CA THR B 53 26.63 5.79 19.13
C THR B 53 25.34 4.97 19.30
N ARG B 54 24.18 5.64 19.41
CA ARG B 54 22.88 4.97 19.76
C ARG B 54 21.80 5.34 18.75
N PHE B 55 22.20 5.88 17.61
CA PHE B 55 21.26 6.26 16.54
C PHE B 55 21.78 5.71 15.21
N GLY B 56 20.90 5.68 14.21
CA GLY B 56 21.21 5.23 12.86
C GLY B 56 20.01 5.43 11.99
N GLY B 57 20.14 5.06 10.71
CA GLY B 57 19.02 5.03 9.76
C GLY B 57 18.42 3.65 9.78
N SER B 58 17.26 3.49 10.44
CA SER B 58 16.51 2.22 10.46
C SER B 58 15.46 2.25 9.37
N VAL B 59 15.14 1.09 8.81
CA VAL B 59 13.94 0.90 7.95
C VAL B 59 12.76 0.81 8.92
N LYS B 60 11.73 1.64 8.74
CA LYS B 60 10.61 1.67 9.73
C LYS B 60 9.34 1.07 9.10
N GLY B 61 8.72 0.12 9.79
CA GLY B 61 7.41 -0.44 9.40
C GLY B 61 7.52 -1.38 8.21
N PHE B 62 8.69 -2.01 8.04
CA PHE B 62 8.93 -3.00 6.96
C PHE B 62 8.01 -4.19 7.25
N ASN B 63 7.24 -4.63 6.25
CA ASN B 63 6.44 -5.87 6.35
C ASN B 63 6.95 -6.89 5.32
N VAL B 64 7.78 -7.84 5.76
CA VAL B 64 8.39 -8.86 4.83
C VAL B 64 7.25 -9.66 4.15
N GLU B 65 6.11 -9.81 4.82
CA GLU B 65 4.97 -10.60 4.29
C GLU B 65 4.35 -9.94 3.06
N GLU B 66 4.68 -8.68 2.75
CA GLU B 66 4.33 -8.12 1.42
C GLU B 66 5.14 -8.79 0.30
N TYR B 67 6.19 -9.54 0.60
CA TYR B 67 7.15 -10.07 -0.42
C TYR B 67 7.28 -11.58 -0.32
N LEU B 68 7.33 -12.12 0.90
CA LEU B 68 7.55 -13.55 1.22
C LEU B 68 6.54 -14.02 2.27
N SER B 69 6.11 -15.28 2.17
CA SER B 69 5.44 -16.01 3.27
C SER B 69 6.28 -15.84 4.54
N ALA B 70 5.66 -15.88 5.72
CA ALA B 70 6.32 -15.76 7.04
C ALA B 70 7.34 -16.90 7.21
N LYS B 71 6.99 -18.05 6.64
CA LYS B 71 7.75 -19.33 6.69
C LYS B 71 9.15 -19.09 6.08
N GLU B 72 9.20 -18.75 4.79
CA GLU B 72 10.43 -18.29 4.06
C GLU B 72 11.18 -17.27 4.92
N ALA B 73 10.52 -16.17 5.28
CA ALA B 73 11.13 -14.99 5.93
C ALA B 73 11.93 -15.39 7.18
N ARG B 74 11.48 -16.39 7.93
CA ARG B 74 12.13 -16.74 9.24
C ARG B 74 13.52 -17.34 9.02
N LYS B 75 13.85 -17.79 7.81
CA LYS B 75 15.12 -18.50 7.50
C LYS B 75 16.18 -17.48 7.03
N LEU B 76 15.77 -16.24 6.71
CA LEU B 76 16.59 -15.18 6.06
C LEU B 76 16.88 -14.01 7.01
N ASP B 77 18.16 -13.69 7.21
CA ASP B 77 18.66 -12.46 7.89
C ASP B 77 18.00 -11.24 7.24
N LEU B 78 17.92 -10.15 8.00
CA LEU B 78 17.24 -8.90 7.52
C LEU B 78 17.91 -8.37 6.25
N PHE B 79 19.21 -8.47 6.09
CA PHE B 79 19.87 -7.87 4.89
C PHE B 79 19.34 -8.63 3.66
N ILE B 80 18.98 -9.90 3.83
CA ILE B 80 18.45 -10.70 2.69
C ILE B 80 17.00 -10.29 2.40
N GLN B 81 16.21 -10.15 3.45
CA GLN B 81 14.79 -9.72 3.33
C GLN B 81 14.75 -8.38 2.62
N TYR B 82 15.62 -7.45 3.04
CA TYR B 82 15.68 -6.07 2.49
C TYR B 82 16.07 -6.14 1.01
N GLY B 83 17.09 -6.94 0.69
CA GLY B 83 17.53 -7.07 -0.71
C GLY B 83 16.42 -7.62 -1.60
N LEU B 84 15.71 -8.64 -1.18
CA LEU B 84 14.63 -9.26 -2.01
C LEU B 84 13.50 -8.24 -2.21
N ALA B 85 13.15 -7.51 -1.15
CA ALA B 85 12.12 -6.44 -1.17
C ALA B 85 12.43 -5.48 -2.31
N ALA B 86 13.63 -4.89 -2.31
CA ALA B 86 14.05 -3.93 -3.35
C ALA B 86 14.05 -4.60 -4.71
N SER B 87 14.50 -5.85 -4.80
CA SER B 87 14.61 -6.60 -6.08
C SER B 87 13.21 -6.81 -6.67
N PHE B 88 12.31 -7.38 -5.90
CA PHE B 88 10.89 -7.59 -6.28
C PHE B 88 10.26 -6.29 -6.76
N GLN B 89 10.46 -5.18 -6.01
CA GLN B 89 9.99 -3.83 -6.42
C GLN B 89 10.51 -3.50 -7.82
N ALA B 90 11.84 -3.59 -8.07
CA ALA B 90 12.39 -3.15 -9.37
C ALA B 90 11.81 -4.00 -10.49
N VAL B 91 11.63 -5.29 -10.24
CA VAL B 91 11.24 -6.25 -11.33
C VAL B 91 9.80 -5.94 -11.72
N ARG B 92 8.90 -5.87 -10.72
CA ARG B 92 7.49 -5.39 -10.88
C ARG B 92 7.52 -4.04 -11.60
N ASP B 93 8.37 -3.11 -11.17
CA ASP B 93 8.44 -1.73 -11.71
C ASP B 93 8.86 -1.77 -13.18
N SER B 94 9.69 -2.75 -13.60
CA SER B 94 10.20 -2.87 -14.99
C SER B 94 9.08 -3.30 -15.96
N GLY B 95 8.10 -4.03 -15.46
CA GLY B 95 7.04 -4.64 -16.28
C GLY B 95 7.51 -5.91 -16.98
N LEU B 96 8.73 -6.39 -16.71
CA LEU B 96 9.33 -7.53 -17.48
C LEU B 96 8.53 -8.81 -17.22
N GLU B 97 8.14 -9.48 -18.31
CA GLU B 97 7.58 -10.87 -18.31
C GLU B 97 8.75 -11.87 -18.41
N VAL B 98 8.92 -12.71 -17.40
CA VAL B 98 9.99 -13.74 -17.31
C VAL B 98 9.46 -15.05 -17.92
N THR B 99 10.06 -15.48 -19.04
CA THR B 99 9.62 -16.63 -19.90
C THR B 99 10.80 -17.57 -20.21
N ASP B 100 10.50 -18.73 -20.80
CA ASP B 100 11.54 -19.71 -21.18
C ASP B 100 12.45 -19.08 -22.23
N ALA B 101 11.94 -18.14 -23.03
CA ALA B 101 12.70 -17.53 -24.13
C ALA B 101 13.63 -16.43 -23.60
N ASN B 102 13.56 -16.06 -22.32
CA ASN B 102 14.49 -15.01 -21.81
C ASN B 102 15.09 -15.33 -20.43
N ARG B 103 14.63 -16.35 -19.73
CA ARG B 103 15.02 -16.59 -18.31
C ARG B 103 16.53 -16.87 -18.21
N GLU B 104 17.17 -17.36 -19.28
CA GLU B 104 18.64 -17.60 -19.31
C GLU B 104 19.39 -16.30 -19.54
N ARG B 105 18.67 -15.25 -19.98
CA ARG B 105 19.24 -13.95 -20.38
C ARG B 105 19.03 -12.92 -19.26
N ILE B 106 18.45 -13.35 -18.15
CA ILE B 106 18.19 -12.50 -16.93
C ILE B 106 18.98 -13.04 -15.73
N GLY B 107 19.88 -12.23 -15.20
CA GLY B 107 20.65 -12.59 -13.98
C GLY B 107 20.51 -11.56 -12.87
N VAL B 108 21.33 -11.70 -11.85
CA VAL B 108 21.22 -10.93 -10.60
C VAL B 108 22.61 -10.73 -10.02
N SER B 109 22.91 -9.50 -9.63
CA SER B 109 24.13 -9.12 -8.88
C SER B 109 23.71 -8.21 -7.73
N MET B 110 23.30 -8.79 -6.61
CA MET B 110 22.95 -8.03 -5.40
C MET B 110 24.05 -8.30 -4.37
N GLY B 111 24.68 -7.26 -3.87
CA GLY B 111 25.81 -7.39 -2.93
C GLY B 111 25.47 -6.91 -1.54
N SER B 112 26.41 -7.06 -0.62
CA SER B 112 26.32 -6.53 0.77
C SER B 112 27.73 -6.24 1.26
N GLY B 113 27.90 -5.23 2.10
CA GLY B 113 29.21 -4.90 2.69
C GLY B 113 29.56 -5.91 3.77
N ILE B 114 28.61 -6.22 4.65
CA ILE B 114 28.90 -7.08 5.83
C ILE B 114 28.00 -8.32 5.88
N GLY B 115 26.83 -8.30 5.24
CA GLY B 115 25.99 -9.50 5.23
C GLY B 115 25.23 -9.68 6.54
N GLY B 116 25.07 -10.94 6.97
CA GLY B 116 24.17 -11.34 8.06
C GLY B 116 24.81 -11.18 9.43
N LEU B 117 25.14 -9.96 9.81
CA LEU B 117 25.89 -9.69 11.06
C LEU B 117 24.96 -9.92 12.26
N THR B 118 23.67 -9.60 12.15
CA THR B 118 22.64 -9.94 13.18
C THR B 118 22.62 -11.46 13.38
N ASN B 119 22.30 -12.20 12.31
CA ASN B 119 22.20 -13.68 12.33
C ASN B 119 23.44 -14.27 13.00
N ILE B 120 24.61 -13.81 12.60
CA ILE B 120 25.93 -14.28 13.13
C ILE B 120 26.01 -13.98 14.63
N GLU B 121 25.47 -12.83 15.06
CA GLU B 121 25.47 -12.40 16.49
C GLU B 121 24.65 -13.40 17.31
N ASN B 122 23.36 -13.52 17.01
CA ASN B 122 22.40 -14.46 17.67
C ASN B 122 23.05 -15.84 17.77
N ASN B 123 23.34 -16.46 16.62
CA ASN B 123 23.90 -17.84 16.58
C ASN B 123 25.20 -17.94 17.39
N CYS B 124 26.01 -16.89 17.43
CA CYS B 124 27.31 -16.91 18.17
C CYS B 124 27.04 -16.95 19.68
N ARG B 125 25.91 -16.39 20.10
CA ARG B 125 25.54 -16.44 21.54
C ARG B 125 25.03 -17.86 21.82
N SER B 126 24.08 -18.34 21.02
CA SER B 126 23.55 -19.71 21.18
C SER B 126 24.71 -20.69 21.35
N LEU B 127 25.81 -20.50 20.62
CA LEU B 127 26.99 -21.37 20.74
C LEU B 127 27.63 -21.20 22.12
N PHE B 128 28.14 -20.00 22.42
CA PHE B 128 28.88 -19.77 23.68
C PHE B 128 28.06 -20.20 24.91
N GLU B 129 26.76 -19.98 24.87
CA GLU B 129 25.84 -20.31 25.99
C GLU B 129 25.69 -21.84 26.07
N GLN B 130 25.02 -22.44 25.07
CA GLN B 130 24.63 -23.88 25.06
C GLN B 130 25.70 -24.73 24.37
N GLY B 131 26.01 -24.44 23.10
CA GLY B 131 26.99 -25.19 22.29
C GLY B 131 26.49 -25.43 20.86
N PRO B 132 27.33 -26.04 19.99
CA PRO B 132 27.06 -26.09 18.55
C PRO B 132 25.71 -26.66 18.13
N ARG B 133 25.03 -27.38 19.02
CA ARG B 133 23.78 -28.12 18.72
C ARG B 133 22.63 -27.13 18.53
N ARG B 134 22.81 -25.89 18.99
CA ARG B 134 21.71 -24.89 18.93
C ARG B 134 21.77 -24.04 17.66
N ILE B 135 22.93 -23.97 16.99
CA ILE B 135 23.09 -23.20 15.72
C ILE B 135 21.93 -23.54 14.78
N SER B 136 21.25 -22.54 14.22
CA SER B 136 20.18 -22.77 13.22
C SER B 136 20.74 -23.60 12.06
N PRO B 137 19.92 -24.51 11.46
CA PRO B 137 20.28 -25.17 10.21
C PRO B 137 20.25 -24.23 9.00
N PHE B 138 19.55 -23.10 9.11
CA PHE B 138 19.38 -22.10 8.04
C PHE B 138 20.45 -21.00 8.19
N PHE B 139 21.36 -21.17 9.16
CA PHE B 139 22.37 -20.18 9.56
C PHE B 139 23.23 -19.80 8.35
N VAL B 140 23.89 -20.77 7.72
CA VAL B 140 24.76 -20.54 6.52
C VAL B 140 23.93 -19.98 5.36
N PRO B 141 22.88 -20.67 4.86
CA PRO B 141 22.14 -20.18 3.70
C PRO B 141 21.28 -18.93 3.97
N GLY B 142 21.10 -18.57 5.23
CA GLY B 142 20.29 -17.39 5.61
C GLY B 142 21.17 -16.21 5.95
N SER B 143 22.49 -16.33 5.80
CA SER B 143 23.48 -15.32 6.24
C SER B 143 24.50 -14.96 5.15
N ILE B 144 24.94 -15.90 4.30
CA ILE B 144 26.05 -15.60 3.34
C ILE B 144 25.53 -14.62 2.29
N ILE B 145 26.43 -13.73 1.86
CA ILE B 145 26.08 -12.48 1.14
C ILE B 145 25.42 -12.80 -0.20
N ASN B 146 25.77 -13.92 -0.85
CA ASN B 146 25.22 -14.21 -2.21
C ASN B 146 23.82 -14.81 -2.15
N MET B 147 23.19 -14.89 -0.99
CA MET B 147 21.83 -15.51 -0.88
C MET B 147 20.74 -14.52 -1.32
N VAL B 148 21.03 -13.22 -1.51
CA VAL B 148 20.04 -12.32 -2.16
C VAL B 148 19.93 -12.71 -3.63
N SER B 149 21.06 -12.73 -4.35
CA SER B 149 21.14 -13.19 -5.76
C SER B 149 20.55 -14.61 -5.84
N GLY B 150 20.86 -15.44 -4.85
CA GLY B 150 20.43 -16.85 -4.82
C GLY B 150 18.92 -16.93 -4.69
N PHE B 151 18.38 -16.39 -3.60
CA PHE B 151 16.92 -16.46 -3.32
C PHE B 151 16.14 -15.72 -4.42
N LEU B 152 16.62 -14.59 -4.94
CA LEU B 152 15.86 -13.88 -6.01
C LEU B 152 15.77 -14.76 -7.26
N SER B 153 16.86 -15.44 -7.62
CA SER B 153 16.92 -16.26 -8.85
CA SER B 153 16.93 -16.28 -8.84
C SER B 153 15.91 -17.40 -8.74
N ILE B 154 15.78 -17.98 -7.55
CA ILE B 154 14.88 -19.13 -7.27
C ILE B 154 13.44 -18.60 -7.34
N HIS B 155 13.13 -17.53 -6.60
CA HIS B 155 11.76 -16.96 -6.51
C HIS B 155 11.25 -16.58 -7.90
N LEU B 156 12.06 -16.00 -8.78
CA LEU B 156 11.61 -15.47 -10.11
C LEU B 156 12.06 -16.33 -11.31
N GLY B 157 12.82 -17.41 -11.10
CA GLY B 157 13.22 -18.34 -12.18
C GLY B 157 14.28 -17.76 -13.07
N LEU B 158 15.21 -16.98 -12.50
CA LEU B 158 16.26 -16.25 -13.27
C LEU B 158 17.51 -17.15 -13.38
N GLN B 159 17.99 -17.41 -14.60
CA GLN B 159 19.04 -18.43 -14.84
C GLN B 159 20.30 -17.82 -15.41
N GLY B 160 20.37 -16.50 -15.52
CA GLY B 160 21.51 -15.80 -16.11
C GLY B 160 22.60 -15.61 -15.08
N PRO B 161 23.66 -14.84 -15.39
CA PRO B 161 24.77 -14.64 -14.47
C PRO B 161 24.24 -14.33 -13.05
N ASN B 162 24.78 -15.05 -12.06
CA ASN B 162 24.36 -14.99 -10.65
C ASN B 162 25.57 -14.81 -9.72
N TYR B 163 25.77 -13.61 -9.17
CA TYR B 163 26.92 -13.36 -8.26
C TYR B 163 26.60 -12.21 -7.30
N ALA B 164 27.59 -11.90 -6.44
CA ALA B 164 27.45 -10.93 -5.35
C ALA B 164 28.81 -10.28 -5.07
N LEU B 165 28.83 -8.95 -5.08
CA LEU B 165 30.00 -8.11 -4.74
C LEU B 165 29.98 -7.82 -3.23
N THR B 166 31.14 -7.67 -2.61
CA THR B 166 31.27 -7.16 -1.22
C THR B 166 32.46 -6.21 -1.17
N THR B 167 32.20 -4.90 -1.32
CA THR B 167 33.28 -3.87 -1.45
C THR B 167 32.93 -2.66 -0.61
N ALA B 168 32.43 -2.89 0.60
CA ALA B 168 32.05 -1.82 1.55
C ALA B 168 31.15 -0.79 0.85
N ALA B 169 31.45 0.51 0.93
CA ALA B 169 30.61 1.58 0.33
C ALA B 169 30.47 1.37 -1.17
N THR B 170 31.38 0.65 -1.83
CA THR B 170 31.38 0.59 -3.30
C THR B 170 30.50 -0.57 -3.77
N THR B 171 30.00 -1.39 -2.84
CA THR B 171 29.31 -2.65 -3.18
C THR B 171 28.25 -2.39 -4.26
N GLY B 172 27.35 -1.45 -4.02
CA GLY B 172 26.18 -1.24 -4.88
C GLY B 172 26.61 -0.70 -6.23
N THR B 173 27.64 0.15 -6.22
CA THR B 173 28.21 0.81 -7.41
C THR B 173 28.87 -0.25 -8.29
N HIS B 174 29.69 -1.12 -7.70
CA HIS B 174 30.33 -2.26 -8.42
C HIS B 174 29.26 -3.21 -8.95
N SER B 175 28.27 -3.56 -8.11
CA SER B 175 27.17 -4.49 -8.46
C SER B 175 26.49 -4.04 -9.74
N ILE B 176 26.10 -2.77 -9.81
CA ILE B 176 25.37 -2.20 -10.97
C ILE B 176 26.29 -2.13 -12.20
N GLY B 177 27.50 -1.61 -12.04
CA GLY B 177 28.45 -1.40 -13.15
C GLY B 177 28.81 -2.73 -13.81
N MET B 178 29.10 -3.74 -13.00
CA MET B 178 29.52 -5.06 -13.52
C MET B 178 28.33 -5.80 -14.12
N ALA B 179 27.10 -5.57 -13.64
CA ALA B 179 25.89 -6.11 -14.27
C ALA B 179 25.69 -5.49 -15.66
N ALA B 180 25.90 -4.19 -15.78
CA ALA B 180 25.92 -3.42 -17.05
C ALA B 180 26.95 -4.03 -18.01
N ARG B 181 28.16 -4.32 -17.54
CA ARG B 181 29.21 -5.02 -18.33
C ARG B 181 28.67 -6.36 -18.86
N ASN B 182 28.01 -7.16 -18.03
CA ASN B 182 27.40 -8.45 -18.48
C ASN B 182 26.50 -8.18 -19.69
N ILE B 183 25.77 -7.06 -19.67
CA ILE B 183 24.79 -6.77 -20.75
C ILE B 183 25.54 -6.22 -21.98
N ALA B 184 26.51 -5.33 -21.82
CA ALA B 184 27.29 -4.78 -22.96
C ALA B 184 28.00 -5.95 -23.69
N TYR B 185 28.47 -6.95 -22.93
CA TYR B 185 29.30 -8.08 -23.42
C TYR B 185 28.42 -9.12 -24.13
N GLY B 186 27.15 -9.29 -23.73
CA GLY B 186 26.20 -10.27 -24.30
C GLY B 186 25.95 -11.47 -23.39
N GLU B 187 26.55 -11.50 -22.18
CA GLU B 187 26.35 -12.56 -21.16
C GLU B 187 24.89 -12.53 -20.68
N ALA B 188 24.22 -11.36 -20.82
CA ALA B 188 22.84 -11.17 -20.34
C ALA B 188 22.17 -10.04 -21.14
N ASP B 189 20.85 -10.10 -21.24
CA ASP B 189 19.98 -9.03 -21.78
C ASP B 189 19.45 -8.14 -20.63
N VAL B 190 19.19 -8.76 -19.47
CA VAL B 190 18.60 -8.12 -18.24
C VAL B 190 19.42 -8.54 -16.99
N MET B 191 19.72 -7.59 -16.09
CA MET B 191 20.29 -7.92 -14.74
C MET B 191 19.53 -7.13 -13.67
N VAL B 192 19.18 -7.77 -12.56
CA VAL B 192 18.74 -7.12 -11.30
C VAL B 192 19.99 -6.85 -10.46
N ALA B 193 20.36 -5.58 -10.25
CA ALA B 193 21.62 -5.23 -9.58
C ALA B 193 21.40 -4.18 -8.48
N GLY B 194 22.21 -4.26 -7.43
CA GLY B 194 22.17 -3.34 -6.30
C GLY B 194 22.81 -3.94 -5.07
N GLY B 195 22.23 -3.64 -3.91
CA GLY B 195 22.85 -4.02 -2.65
C GLY B 195 21.88 -3.88 -1.50
N SER B 196 22.23 -4.47 -0.37
CA SER B 196 21.43 -4.39 0.85
C SER B 196 22.37 -4.49 2.05
N GLU B 197 21.93 -3.90 3.14
CA GLU B 197 22.70 -3.90 4.39
C GLU B 197 21.74 -3.80 5.57
N MET B 198 22.11 -4.52 6.62
CA MET B 198 21.52 -4.43 7.98
CA MET B 198 21.54 -4.37 8.00
C MET B 198 22.65 -4.76 8.97
N ALA B 199 23.50 -3.78 9.30
CA ALA B 199 24.65 -3.99 10.20
C ALA B 199 24.42 -3.29 11.56
N ALA B 200 23.21 -2.82 11.84
CA ALA B 200 22.81 -2.24 13.17
C ALA B 200 22.71 -3.38 14.19
N CYS B 201 23.85 -3.80 14.74
CA CYS B 201 23.94 -4.79 15.83
C CYS B 201 25.21 -4.46 16.62
N GLY B 202 25.34 -5.03 17.81
CA GLY B 202 26.53 -4.86 18.66
C GLY B 202 27.82 -4.81 17.86
N LEU B 203 28.01 -5.78 16.95
CA LEU B 203 29.29 -5.92 16.20
C LEU B 203 29.41 -4.80 15.16
N GLY B 204 28.29 -4.36 14.56
CA GLY B 204 28.28 -3.27 13.57
C GLY B 204 28.62 -1.93 14.21
N LEU B 205 27.72 -1.45 15.07
CA LEU B 205 27.86 -0.19 15.83
C LEU B 205 29.11 -0.26 16.72
N GLY B 206 29.29 -1.38 17.43
CA GLY B 206 30.49 -1.60 18.26
C GLY B 206 31.75 -1.71 17.41
N GLY B 207 31.66 -2.31 16.22
CA GLY B 207 32.84 -2.49 15.36
C GLY B 207 33.31 -1.18 14.76
N PHE B 208 32.39 -0.43 14.16
CA PHE B 208 32.68 0.89 13.56
C PHE B 208 33.01 1.90 14.66
N GLY B 209 32.27 1.83 15.79
CA GLY B 209 32.54 2.62 17.01
C GLY B 209 33.98 2.47 17.48
N ALA B 210 34.47 1.23 17.55
CA ALA B 210 35.85 0.88 17.97
C ALA B 210 36.87 1.43 16.98
N ALA B 211 36.53 1.48 15.68
CA ALA B 211 37.35 2.13 14.64
C ALA B 211 37.21 3.65 14.75
N ARG B 212 36.30 4.12 15.61
CA ARG B 212 35.98 5.56 15.82
C ARG B 212 35.64 6.17 14.47
N ALA B 213 34.78 5.51 13.70
CA ALA B 213 34.39 5.97 12.35
C ALA B 213 32.99 6.62 12.41
N LEU B 214 32.30 6.54 13.54
CA LEU B 214 30.88 6.97 13.64
C LEU B 214 30.78 8.29 14.38
N SER B 215 29.87 9.15 13.93
CA SER B 215 29.40 10.33 14.67
C SER B 215 28.85 9.86 16.02
N THR B 216 29.09 10.65 17.07
CA THR B 216 28.64 10.37 18.45
C THR B 216 27.66 11.47 18.87
N ARG B 217 27.07 12.19 17.93
CA ARG B 217 26.08 13.27 18.23
C ARG B 217 24.75 12.63 18.67
N ASN B 218 24.76 11.96 19.82
CA ASN B 218 23.58 11.20 20.34
C ASN B 218 22.43 12.16 20.69
N ASP B 219 22.74 13.40 21.06
CA ASP B 219 21.74 14.40 21.54
C ASP B 219 20.92 14.97 20.36
N GLU B 220 21.41 14.89 19.12
CA GLU B 220 20.72 15.44 17.91
C GLU B 220 21.00 14.56 16.70
N PRO B 221 20.42 13.34 16.64
CA PRO B 221 20.75 12.38 15.58
C PRO B 221 20.53 12.93 14.16
N THR B 222 19.47 13.71 13.95
CA THR B 222 19.08 14.25 12.64
C THR B 222 20.16 15.25 12.16
N ARG B 223 21.06 15.71 13.03
CA ARG B 223 22.11 16.72 12.71
C ARG B 223 23.50 16.06 12.62
N ALA B 224 23.59 14.76 12.86
CA ALA B 224 24.83 13.97 12.96
C ALA B 224 25.56 13.92 11.62
N SER B 225 24.81 13.50 10.58
CA SER B 225 25.29 13.40 9.19
C SER B 225 25.32 14.80 8.55
N ARG B 226 26.51 15.35 8.38
CA ARG B 226 26.68 16.75 7.93
C ARG B 226 27.89 16.79 7.01
N PRO B 227 27.79 16.17 5.80
CA PRO B 227 28.89 16.17 4.85
C PRO B 227 29.44 17.57 4.54
N TRP B 228 30.77 17.70 4.61
CA TRP B 228 31.54 18.93 4.28
C TRP B 228 31.32 20.05 5.32
N ASP B 229 30.58 19.80 6.40
CA ASP B 229 30.37 20.75 7.51
C ASP B 229 31.58 20.67 8.44
N ARG B 230 32.06 21.82 8.92
CA ARG B 230 33.31 21.88 9.71
C ARG B 230 33.17 21.08 11.01
N ASP B 231 31.95 20.81 11.48
CA ASP B 231 31.73 20.10 12.77
C ASP B 231 31.35 18.63 12.56
N ARG B 232 31.65 18.06 11.40
CA ARG B 232 31.42 16.62 11.10
C ARG B 232 32.33 15.77 11.98
N ASP B 233 31.85 14.61 12.44
CA ASP B 233 32.58 13.73 13.40
C ASP B 233 32.41 12.24 13.04
N GLY B 234 32.20 11.92 11.77
CA GLY B 234 32.10 10.53 11.30
C GLY B 234 30.71 10.20 10.76
N PHE B 235 30.58 9.03 10.15
CA PHE B 235 29.37 8.69 9.38
C PHE B 235 28.32 8.09 10.33
N VAL B 236 27.12 8.03 9.79
CA VAL B 236 25.92 7.47 10.46
C VAL B 236 25.59 6.15 9.79
N LEU B 237 25.56 5.06 10.56
CA LEU B 237 25.24 3.73 10.03
C LEU B 237 23.74 3.63 9.76
N SER B 238 23.39 3.24 8.55
CA SER B 238 21.99 3.11 8.08
C SER B 238 21.79 1.75 7.40
N ASP B 239 20.52 1.37 7.27
CA ASP B 239 20.04 0.05 6.79
C ASP B 239 19.17 0.29 5.56
N GLY B 240 19.04 -0.74 4.70
CA GLY B 240 18.11 -0.71 3.57
C GLY B 240 18.67 -1.46 2.38
N SER B 241 18.17 -1.13 1.21
CA SER B 241 18.43 -1.86 -0.06
C SER B 241 18.04 -0.95 -1.21
N GLY B 242 18.78 -1.04 -2.30
CA GLY B 242 18.37 -0.56 -3.63
C GLY B 242 18.54 -1.69 -4.65
N ALA B 243 17.71 -1.69 -5.70
CA ALA B 243 17.79 -2.63 -6.84
C ALA B 243 17.36 -1.89 -8.09
N LEU B 244 18.12 -2.07 -9.17
CA LEU B 244 17.77 -1.56 -10.52
C LEU B 244 17.62 -2.73 -11.49
N VAL B 245 16.61 -2.68 -12.37
CA VAL B 245 16.59 -3.54 -13.58
C VAL B 245 17.36 -2.80 -14.67
N LEU B 246 18.51 -3.35 -15.02
CA LEU B 246 19.32 -2.92 -16.18
C LEU B 246 18.87 -3.78 -17.36
N GLU B 247 18.88 -3.23 -18.58
CA GLU B 247 18.27 -3.91 -19.75
C GLU B 247 18.96 -3.42 -21.03
N GLU B 248 19.25 -4.34 -21.95
CA GLU B 248 19.83 -3.97 -23.27
C GLU B 248 18.77 -3.10 -23.99
N LEU B 249 19.20 -2.03 -24.65
CA LEU B 249 18.29 -0.99 -25.20
C LEU B 249 17.32 -1.65 -26.19
N GLU B 250 17.85 -2.32 -27.22
CA GLU B 250 16.98 -2.97 -28.26
C GLU B 250 15.98 -3.88 -27.55
N HIS B 251 16.40 -4.62 -26.51
CA HIS B 251 15.50 -5.53 -25.75
C HIS B 251 14.37 -4.72 -25.10
N ALA B 252 14.70 -3.54 -24.58
CA ALA B 252 13.73 -2.67 -23.86
C ALA B 252 12.77 -2.06 -24.91
N ARG B 253 13.33 -1.39 -25.91
CA ARG B 253 12.58 -0.84 -27.09
C ARG B 253 11.61 -1.91 -27.58
N ALA B 254 12.13 -3.06 -28.00
CA ALA B 254 11.35 -4.20 -28.54
C ALA B 254 10.10 -4.49 -27.67
N ARG B 255 10.19 -4.44 -26.34
CA ARG B 255 9.00 -4.80 -25.52
C ARG B 255 8.22 -3.55 -25.09
N GLY B 256 8.64 -2.39 -25.58
CA GLY B 256 7.96 -1.13 -25.21
C GLY B 256 8.10 -0.85 -23.73
N ALA B 257 9.34 -0.72 -23.27
CA ALA B 257 9.58 -0.50 -21.83
C ALA B 257 9.64 0.99 -21.53
N ARG B 258 9.22 1.36 -20.32
CA ARG B 258 9.51 2.70 -19.75
CA ARG B 258 9.51 2.70 -19.76
C ARG B 258 10.99 2.73 -19.34
N ILE B 259 11.79 3.51 -20.05
CA ILE B 259 13.23 3.76 -19.80
C ILE B 259 13.34 5.03 -18.95
N TYR B 260 13.93 4.92 -17.76
CA TYR B 260 14.13 6.06 -16.82
C TYR B 260 15.31 6.90 -17.28
N ALA B 261 16.37 6.21 -17.72
CA ALA B 261 17.68 6.81 -18.00
C ALA B 261 18.60 5.77 -18.65
N GLU B 262 19.73 6.22 -19.14
CA GLU B 262 20.72 5.32 -19.77
C GLU B 262 21.94 5.23 -18.85
N LEU B 263 22.44 4.02 -18.64
CA LEU B 263 23.72 3.82 -17.92
C LEU B 263 24.82 3.77 -18.99
N VAL B 264 25.61 4.83 -19.04
CA VAL B 264 26.57 5.09 -20.15
C VAL B 264 27.99 4.87 -19.67
N GLY B 265 28.29 4.91 -18.37
CA GLY B 265 29.68 4.83 -17.91
C GLY B 265 29.86 4.16 -16.57
N PHE B 266 30.92 3.38 -16.46
CA PHE B 266 31.36 2.73 -15.21
C PHE B 266 32.87 2.81 -15.14
N GLY B 267 33.35 3.43 -14.07
CA GLY B 267 34.76 3.60 -13.76
C GLY B 267 35.09 2.93 -12.45
N MET B 268 36.33 2.49 -12.32
CA MET B 268 36.91 1.94 -11.09
C MET B 268 38.35 2.40 -10.94
N SER B 269 38.81 2.42 -9.71
CA SER B 269 40.22 2.65 -9.38
C SER B 269 40.47 2.14 -7.97
N GLY B 270 41.75 1.97 -7.66
CA GLY B 270 42.20 1.75 -6.29
C GLY B 270 43.08 2.90 -5.85
N ASP B 271 42.94 3.35 -4.62
CA ASP B 271 43.81 4.40 -4.04
C ASP B 271 45.21 3.83 -3.91
N ALA B 272 45.33 2.56 -3.51
CA ALA B 272 46.61 1.93 -3.12
C ALA B 272 47.32 2.82 -2.09
N PHE B 273 46.60 3.31 -1.08
CA PHE B 273 47.13 4.29 -0.11
C PHE B 273 46.98 3.83 1.34
N HIS B 274 45.78 3.77 1.88
CA HIS B 274 45.47 3.42 3.30
C HIS B 274 44.13 2.66 3.34
N MET B 275 43.85 1.96 4.45
CA MET B 275 42.64 1.09 4.63
C MET B 275 41.40 1.96 4.85
N THR B 276 41.50 2.98 5.70
CA THR B 276 40.35 3.77 6.21
C THR B 276 40.52 5.28 5.98
N ALA B 277 41.54 5.71 5.23
CA ALA B 277 41.74 7.13 4.85
C ALA B 277 42.16 7.22 3.40
N PRO B 278 41.73 8.29 2.71
CA PRO B 278 42.12 8.53 1.32
C PRO B 278 43.37 9.38 1.27
N PRO B 279 44.04 9.48 0.10
CA PRO B 279 45.07 10.52 -0.09
C PRO B 279 44.38 11.90 -0.02
N GLU B 280 45.08 12.94 0.43
CA GLU B 280 44.48 14.26 0.76
C GLU B 280 43.93 14.93 -0.49
N ASP B 281 44.54 14.67 -1.65
CA ASP B 281 44.13 15.21 -2.97
C ASP B 281 43.04 14.33 -3.60
N GLY B 282 42.61 13.23 -2.97
CA GLY B 282 41.63 12.29 -3.56
C GLY B 282 42.01 11.80 -4.95
N ALA B 283 43.29 11.56 -5.21
CA ALA B 283 43.80 11.21 -6.56
C ALA B 283 43.12 9.95 -7.10
N GLY B 284 42.84 8.97 -6.24
CA GLY B 284 42.22 7.71 -6.69
C GLY B 284 40.81 7.94 -7.18
N ALA B 285 40.06 8.77 -6.44
CA ALA B 285 38.68 9.16 -6.81
C ALA B 285 38.67 9.95 -8.11
N ALA B 286 39.71 10.76 -8.34
CA ALA B 286 39.93 11.51 -9.59
C ALA B 286 40.06 10.53 -10.77
N ARG B 287 40.97 9.55 -10.66
CA ARG B 287 41.18 8.56 -11.76
C ARG B 287 39.85 7.85 -12.02
N CYS B 288 39.14 7.51 -10.95
CA CYS B 288 37.90 6.72 -11.02
C CYS B 288 36.82 7.49 -11.81
N MET B 289 36.60 8.75 -11.47
CA MET B 289 35.63 9.61 -12.21
C MET B 289 36.06 9.73 -13.69
N LYS B 290 37.34 9.98 -13.97
CA LYS B 290 37.85 10.13 -15.36
C LYS B 290 37.67 8.83 -16.12
N ASN B 291 37.88 7.69 -15.46
CA ASN B 291 37.64 6.36 -16.08
C ASN B 291 36.18 6.26 -16.47
N ALA B 292 35.28 6.70 -15.60
CA ALA B 292 33.83 6.57 -15.84
C ALA B 292 33.46 7.47 -17.02
N LEU B 293 33.94 8.71 -17.00
CA LEU B 293 33.63 9.70 -18.08
C LEU B 293 34.18 9.20 -19.43
N ARG B 294 35.42 8.71 -19.45
CA ARG B 294 36.01 8.11 -20.68
C ARG B 294 35.16 6.93 -21.17
N ASP B 295 34.68 6.08 -20.24
CA ASP B 295 33.82 4.91 -20.57
C ASP B 295 32.54 5.40 -21.25
N ALA B 296 32.00 6.54 -20.79
CA ALA B 296 30.70 7.08 -21.23
C ALA B 296 30.89 7.93 -22.49
N GLY B 297 32.13 8.29 -22.77
CA GLY B 297 32.51 9.15 -23.92
C GLY B 297 32.01 10.57 -23.67
N LEU B 298 32.27 11.09 -22.47
CA LEU B 298 31.77 12.42 -22.03
C LEU B 298 32.95 13.26 -21.56
N ASP B 299 32.88 14.56 -21.82
CA ASP B 299 33.81 15.56 -21.28
C ASP B 299 33.31 15.92 -19.89
N PRO B 300 34.19 16.29 -18.93
CA PRO B 300 33.75 16.74 -17.61
C PRO B 300 32.69 17.85 -17.68
N ARG B 301 32.75 18.68 -18.73
CA ARG B 301 31.84 19.84 -18.87
C ARG B 301 30.42 19.37 -19.13
N GLN B 302 30.20 18.10 -19.49
CA GLN B 302 28.81 17.57 -19.77
C GLN B 302 28.14 17.10 -18.47
N VAL B 303 28.82 17.13 -17.34
CA VAL B 303 28.24 16.60 -16.06
C VAL B 303 27.49 17.74 -15.35
N ASP B 304 26.22 17.53 -15.03
CA ASP B 304 25.36 18.54 -14.36
C ASP B 304 25.27 18.26 -12.85
N TYR B 305 25.22 16.98 -12.45
CA TYR B 305 24.97 16.59 -11.04
C TYR B 305 25.85 15.40 -10.65
N ILE B 306 26.42 15.47 -9.45
CA ILE B 306 27.16 14.36 -8.78
C ILE B 306 26.44 14.04 -7.47
N ASN B 307 26.03 12.79 -7.32
CA ASN B 307 25.67 12.22 -6.01
C ASN B 307 26.94 11.72 -5.33
N ALA B 308 27.44 12.51 -4.38
CA ALA B 308 28.75 12.35 -3.74
C ALA B 308 28.78 11.05 -2.93
N HIS B 309 29.99 10.60 -2.67
CA HIS B 309 30.29 9.67 -1.56
C HIS B 309 29.92 10.36 -0.24
N GLY B 310 30.58 11.47 0.10
CA GLY B 310 30.17 12.40 1.20
C GLY B 310 29.57 11.71 2.41
N THR B 311 30.36 10.96 3.18
CA THR B 311 29.84 10.14 4.29
C THR B 311 29.86 10.91 5.61
N SER B 312 30.38 12.15 5.61
CA SER B 312 30.49 13.02 6.81
C SER B 312 31.73 12.63 7.64
N THR B 313 32.82 12.25 6.99
CA THR B 313 34.13 11.95 7.66
C THR B 313 35.07 13.14 7.52
N PRO B 314 35.92 13.43 8.53
CA PRO B 314 36.93 14.49 8.40
C PRO B 314 37.79 14.39 7.13
N ALA B 315 38.47 13.26 6.91
CA ALA B 315 39.45 13.11 5.80
C ALA B 315 38.73 12.94 4.46
N GLY B 316 37.66 12.13 4.45
CA GLY B 316 37.05 11.71 3.17
C GLY B 316 36.31 12.85 2.50
N ASP B 317 35.55 13.65 3.25
CA ASP B 317 34.70 14.70 2.63
C ASP B 317 35.60 15.69 1.86
N ILE B 318 36.68 16.17 2.45
CA ILE B 318 37.55 17.19 1.78
C ILE B 318 38.32 16.56 0.60
N ALA B 319 38.76 15.30 0.68
CA ALA B 319 39.50 14.65 -0.43
C ALA B 319 38.60 14.56 -1.64
N GLU B 320 37.29 14.35 -1.44
CA GLU B 320 36.34 14.20 -2.56
C GLU B 320 36.21 15.54 -3.28
N ILE B 321 36.17 16.65 -2.53
CA ILE B 321 36.15 18.03 -3.11
C ILE B 321 37.39 18.20 -4.00
N ALA B 322 38.58 17.90 -3.48
CA ALA B 322 39.87 18.02 -4.20
C ALA B 322 39.77 17.25 -5.51
N ALA B 323 39.25 16.02 -5.44
CA ALA B 323 39.13 15.14 -6.61
C ALA B 323 38.21 15.79 -7.65
N VAL B 324 37.07 16.30 -7.19
CA VAL B 324 36.10 16.97 -8.10
C VAL B 324 36.76 18.20 -8.73
N LYS B 325 37.53 18.99 -7.98
CA LYS B 325 38.17 20.21 -8.56
C LYS B 325 39.19 19.79 -9.63
N SER B 326 39.95 18.71 -9.36
CA SER B 326 40.98 18.14 -10.25
CA SER B 326 40.99 18.14 -10.26
C SER B 326 40.36 17.70 -11.59
N VAL B 327 39.24 17.00 -11.53
CA VAL B 327 38.62 16.41 -12.73
C VAL B 327 37.88 17.49 -13.53
N PHE B 328 37.17 18.37 -12.84
CA PHE B 328 36.16 19.24 -13.52
C PHE B 328 36.72 20.64 -13.77
N GLY B 329 37.83 21.02 -13.11
CA GLY B 329 38.44 22.35 -13.25
C GLY B 329 37.39 23.43 -13.02
N GLU B 330 37.26 24.40 -13.92
CA GLU B 330 36.37 25.58 -13.70
C GLU B 330 34.91 25.10 -13.72
N HIS B 331 34.62 24.03 -14.47
CA HIS B 331 33.26 23.44 -14.50
C HIS B 331 32.85 22.88 -13.11
N ALA B 332 33.80 22.71 -12.19
CA ALA B 332 33.52 22.30 -10.81
C ALA B 332 32.50 23.26 -10.15
N HIS B 333 32.48 24.53 -10.56
CA HIS B 333 31.63 25.60 -9.97
C HIS B 333 30.34 25.77 -10.74
N ALA B 334 30.14 25.05 -11.85
CA ALA B 334 28.87 25.05 -12.61
C ALA B 334 27.99 23.83 -12.25
N LEU B 335 28.59 22.64 -12.04
CA LEU B 335 27.82 21.43 -11.65
C LEU B 335 27.29 21.61 -10.23
N SER B 336 26.30 20.78 -9.85
CA SER B 336 25.79 20.63 -8.48
C SER B 336 26.22 19.25 -7.93
N MET B 337 26.74 19.22 -6.72
CA MET B 337 27.12 17.96 -6.04
C MET B 337 26.42 17.96 -4.68
N SER B 338 25.72 16.88 -4.36
CA SER B 338 25.11 16.74 -3.03
C SER B 338 25.38 15.35 -2.46
N SER B 339 25.41 15.28 -1.13
CA SER B 339 25.41 13.99 -0.43
C SER B 339 24.02 13.79 0.16
N THR B 340 23.29 12.82 -0.38
CA THR B 340 22.00 12.37 0.20
C THR B 340 22.22 11.59 1.49
N LYS B 341 23.45 11.24 1.83
CA LYS B 341 23.79 10.63 3.15
C LYS B 341 23.54 11.65 4.28
N SER B 342 23.47 12.96 3.97
CA SER B 342 23.07 14.01 4.96
C SER B 342 21.71 13.65 5.57
N MET B 343 20.87 12.96 4.79
CA MET B 343 19.47 12.57 5.12
C MET B 343 19.36 11.07 5.43
N THR B 344 19.94 10.19 4.60
CA THR B 344 19.73 8.73 4.72
C THR B 344 20.75 8.11 5.67
N GLY B 345 21.85 8.82 5.95
CA GLY B 345 23.07 8.20 6.49
C GLY B 345 23.69 7.23 5.48
N HIS B 346 24.69 6.50 5.94
CA HIS B 346 25.56 5.61 5.14
C HIS B 346 25.01 4.18 5.15
N LEU B 347 24.36 3.76 4.08
CA LEU B 347 23.77 2.40 3.94
C LEU B 347 24.84 1.37 3.53
N LEU B 348 26.13 1.74 3.49
CA LEU B 348 27.26 0.80 3.24
C LEU B 348 27.05 0.03 1.94
N GLY B 349 26.88 -1.30 2.00
CA GLY B 349 26.70 -2.14 0.80
C GLY B 349 25.48 -1.75 -0.02
N ALA B 350 24.50 -1.04 0.56
CA ALA B 350 23.33 -0.56 -0.21
C ALA B 350 23.50 0.88 -0.68
N ALA B 351 24.47 1.63 -0.17
CA ALA B 351 24.65 3.06 -0.50
C ALA B 351 24.68 3.29 -2.02
N GLY B 352 25.50 2.56 -2.77
CA GLY B 352 25.65 2.84 -4.22
C GLY B 352 24.38 2.51 -5.00
N ALA B 353 23.56 1.59 -4.50
CA ALA B 353 22.30 1.20 -5.14
C ALA B 353 21.24 2.31 -4.91
N VAL B 354 21.06 2.76 -3.67
CA VAL B 354 20.03 3.82 -3.39
C VAL B 354 20.49 5.12 -4.06
N GLU B 355 21.79 5.37 -4.12
CA GLU B 355 22.27 6.67 -4.64
C GLU B 355 22.24 6.65 -6.18
N ALA B 356 22.36 5.46 -6.81
CA ALA B 356 22.15 5.30 -8.26
C ALA B 356 20.69 5.66 -8.55
N ILE B 357 19.76 5.10 -7.80
CA ILE B 357 18.32 5.44 -7.91
C ILE B 357 18.15 6.96 -7.72
N PHE B 358 18.79 7.57 -6.72
CA PHE B 358 18.61 9.03 -6.47
C PHE B 358 19.14 9.80 -7.68
N SER B 359 20.22 9.31 -8.31
CA SER B 359 20.83 9.96 -9.50
C SER B 359 19.90 9.82 -10.71
N VAL B 360 19.26 8.67 -10.87
CA VAL B 360 18.29 8.46 -11.99
C VAL B 360 17.07 9.39 -11.79
N LEU B 361 16.51 9.47 -10.59
CA LEU B 361 15.35 10.37 -10.30
C LEU B 361 15.72 11.86 -10.43
N ALA B 362 16.96 12.24 -10.17
CA ALA B 362 17.43 13.62 -10.41
C ALA B 362 17.37 13.93 -11.92
N LEU B 363 17.57 12.92 -12.76
CA LEU B 363 17.46 13.05 -14.24
C LEU B 363 15.98 13.13 -14.63
N ARG B 364 15.14 12.26 -14.08
CA ARG B 364 13.69 12.28 -14.35
C ARG B 364 13.17 13.68 -13.94
N ASP B 365 13.50 14.15 -12.74
CA ASP B 365 12.76 15.27 -12.10
C ASP B 365 13.44 16.62 -12.32
N GLN B 366 14.63 16.65 -12.92
CA GLN B 366 15.45 17.86 -13.15
C GLN B 366 15.60 18.63 -11.83
N VAL B 367 16.03 17.95 -10.77
CA VAL B 367 16.27 18.56 -9.43
C VAL B 367 17.45 17.84 -8.76
N ALA B 368 18.41 18.64 -8.27
CA ALA B 368 19.52 18.19 -7.41
C ALA B 368 19.00 18.10 -5.97
N PRO B 369 19.05 16.90 -5.36
CA PRO B 369 18.74 16.74 -3.95
C PRO B 369 19.67 17.56 -3.07
N PRO B 370 19.23 17.97 -1.86
CA PRO B 370 20.06 18.81 -0.99
C PRO B 370 21.11 18.03 -0.20
N THR B 371 22.15 18.75 0.22
CA THR B 371 22.98 18.33 1.35
C THR B 371 22.41 19.05 2.57
N ILE B 372 21.63 18.38 3.43
CA ILE B 372 21.15 19.04 4.67
C ILE B 372 22.30 19.07 5.66
N ASN B 373 22.19 19.92 6.68
CA ASN B 373 23.13 20.04 7.83
C ASN B 373 24.40 20.80 7.43
N LEU B 374 24.48 21.32 6.20
CA LEU B 374 25.69 22.03 5.71
C LEU B 374 25.59 23.48 6.20
N ASP B 375 25.72 23.66 7.51
CA ASP B 375 25.58 24.95 8.22
C ASP B 375 26.84 25.80 7.98
N ASN B 376 28.01 25.19 8.09
CA ASN B 376 29.33 25.87 8.02
C ASN B 376 30.28 25.03 7.18
N PRO B 377 30.25 25.20 5.84
CA PRO B 377 31.15 24.47 4.96
C PRO B 377 32.61 24.67 5.36
N ASP B 378 33.35 23.56 5.42
CA ASP B 378 34.77 23.56 5.88
C ASP B 378 35.63 24.28 4.82
N GLU B 379 36.88 24.55 5.16
CA GLU B 379 37.86 25.21 4.23
C GLU B 379 37.87 24.47 2.89
N GLY B 380 37.78 25.23 1.80
CA GLY B 380 37.86 24.75 0.42
C GLY B 380 36.59 24.09 -0.03
N CYS B 381 35.55 23.99 0.81
CA CYS B 381 34.26 23.36 0.44
C CYS B 381 33.32 24.43 -0.14
N ASP B 382 33.70 25.03 -1.26
CA ASP B 382 33.10 26.27 -1.83
C ASP B 382 32.39 25.95 -3.15
N LEU B 383 32.07 24.69 -3.42
CA LEU B 383 31.31 24.31 -4.64
C LEU B 383 29.82 24.50 -4.37
N ASP B 384 28.98 24.36 -5.40
CA ASP B 384 27.53 24.22 -5.23
C ASP B 384 27.25 22.82 -4.66
N LEU B 385 27.20 22.74 -3.33
CA LEU B 385 26.90 21.50 -2.57
C LEU B 385 25.41 21.40 -2.24
N VAL B 386 24.58 22.17 -2.94
CA VAL B 386 23.09 22.12 -2.79
C VAL B 386 22.73 22.14 -1.31
N ALA B 387 23.29 23.09 -0.58
CA ALA B 387 23.09 23.12 0.89
C ALA B 387 21.63 23.32 1.30
N HIS B 388 21.15 22.54 2.26
CA HIS B 388 19.82 22.76 2.91
C HIS B 388 18.60 22.46 2.05
N GLU B 389 18.54 22.96 0.82
CA GLU B 389 17.29 22.85 0.02
C GLU B 389 17.50 22.30 -1.39
N ALA B 390 16.53 21.51 -1.86
CA ALA B 390 16.59 20.98 -3.23
C ALA B 390 16.72 22.12 -4.24
N LYS B 391 17.29 21.82 -5.38
CA LYS B 391 17.62 22.84 -6.41
C LYS B 391 17.18 22.33 -7.77
N PRO B 392 15.98 22.76 -8.24
CA PRO B 392 15.57 22.52 -9.63
C PRO B 392 16.62 23.16 -10.55
N ARG B 393 17.06 22.42 -11.57
CA ARG B 393 18.11 22.83 -12.54
C ARG B 393 18.14 21.82 -13.68
N LYS B 394 18.83 22.15 -14.77
CA LYS B 394 19.03 21.23 -15.91
C LYS B 394 20.02 20.14 -15.48
N ILE B 395 19.64 18.89 -15.70
CA ILE B 395 20.51 17.71 -15.45
C ILE B 395 20.36 16.74 -16.63
N ASP B 396 21.34 16.72 -17.51
CA ASP B 396 21.44 15.74 -18.62
C ASP B 396 22.28 14.54 -18.17
N VAL B 397 23.36 14.79 -17.43
CA VAL B 397 24.36 13.77 -16.98
C VAL B 397 24.46 13.82 -15.44
N ALA B 398 24.23 12.67 -14.78
CA ALA B 398 24.41 12.49 -13.31
C ALA B 398 25.48 11.42 -13.02
N LEU B 399 26.44 11.73 -12.15
CA LEU B 399 27.45 10.77 -11.61
C LEU B 399 27.05 10.32 -10.20
N SER B 400 27.30 9.06 -9.86
CA SER B 400 27.27 8.54 -8.47
C SER B 400 28.66 8.00 -8.11
N ASN B 401 29.26 8.58 -7.07
CA ASN B 401 30.57 8.17 -6.50
C ASN B 401 30.43 7.29 -5.27
N SER B 402 31.27 6.25 -5.18
CA SER B 402 31.43 5.39 -3.97
C SER B 402 32.92 5.15 -3.74
N PHE B 403 33.40 5.47 -2.56
CA PHE B 403 34.84 5.31 -2.19
C PHE B 403 34.86 4.48 -0.91
N GLY B 404 35.22 3.19 -1.03
CA GLY B 404 35.07 2.21 0.07
C GLY B 404 36.35 1.94 0.83
N PHE B 405 36.22 1.43 2.04
CA PHE B 405 37.34 0.91 2.87
C PHE B 405 38.20 -0.02 2.01
N GLY B 406 39.52 0.20 2.07
CA GLY B 406 40.53 -0.46 1.25
C GLY B 406 40.94 0.45 0.11
N GLY B 407 40.28 1.60 0.00
CA GLY B 407 40.51 2.57 -1.08
C GLY B 407 39.98 2.05 -2.39
N THR B 408 38.86 1.34 -2.36
CA THR B 408 38.21 0.78 -3.57
C THR B 408 37.16 1.78 -4.08
N ASN B 409 37.35 2.28 -5.30
CA ASN B 409 36.54 3.39 -5.85
C ASN B 409 35.73 2.91 -7.01
N GLY B 410 34.49 3.40 -7.09
CA GLY B 410 33.56 3.13 -8.20
C GLY B 410 32.77 4.39 -8.54
N THR B 411 32.57 4.66 -9.83
CA THR B 411 31.70 5.75 -10.31
C THR B 411 30.80 5.23 -11.41
N LEU B 412 29.52 5.54 -11.32
CA LEU B 412 28.52 5.30 -12.37
C LEU B 412 28.12 6.64 -12.99
N VAL B 413 27.87 6.61 -14.30
CA VAL B 413 27.41 7.77 -15.10
C VAL B 413 26.09 7.38 -15.74
N PHE B 414 25.05 8.16 -15.41
CA PHE B 414 23.70 8.08 -16.00
C PHE B 414 23.47 9.33 -16.87
N ARG B 415 22.72 9.19 -17.96
CA ARG B 415 22.32 10.34 -18.78
C ARG B 415 20.87 10.15 -19.20
N ARG B 416 20.19 11.27 -19.48
CA ARG B 416 18.81 11.27 -20.00
C ARG B 416 18.85 10.47 -21.28
N PHE B 417 17.81 9.67 -21.53
CA PHE B 417 17.68 8.82 -22.73
C PHE B 417 16.89 9.53 -23.84
N ALA B 418 17.53 9.74 -25.00
CA ALA B 418 16.90 10.19 -26.27
C ALA B 418 16.45 8.96 -27.08
S DMS C . -53.22 -6.40 -13.36
O DMS C . -51.98 -6.44 -12.53
C1 DMS C . -52.78 -7.17 -14.91
C2 DMS C . -53.34 -4.73 -13.95
S DMS D . -37.25 9.16 -2.43
O DMS D . -37.01 9.23 -3.95
C1 DMS D . -38.96 9.55 -2.17
C2 DMS D . -36.60 10.66 -1.74
P PO4 E . -21.10 -22.43 -12.02
O1 PO4 E . -20.23 -21.20 -12.27
O2 PO4 E . -21.74 -22.88 -13.34
O3 PO4 E . -22.23 -22.07 -11.04
O4 PO4 E . -20.25 -23.54 -11.45
S DMS F . -28.55 22.10 1.85
O DMS F . -28.12 23.37 1.20
C1 DMS F . -29.77 22.54 3.05
C2 DMS F . -27.25 21.65 2.96
C FMT G . -16.16 -13.72 15.31
O1 FMT G . -16.53 -14.04 14.20
O2 FMT G . -15.15 -12.92 15.55
S DMS H . -0.82 -10.18 -1.01
O DMS H . -1.51 -11.37 -0.37
C1 DMS H . -0.85 -10.44 -2.77
C2 DMS H . 0.92 -10.38 -0.74
S DMS I . 0.33 -3.32 11.30
O DMS I . -1.11 -3.75 11.29
C1 DMS I . 0.43 -1.99 12.47
C2 DMS I . 0.59 -2.37 9.81
C FMT J . -28.71 14.29 -6.16
O1 FMT J . -27.60 13.78 -6.17
O2 FMT J . -29.77 13.95 -5.41
P PO4 K . -37.56 18.57 -2.57
O1 PO4 K . -37.38 19.13 -1.14
O2 PO4 K . -37.59 19.73 -3.55
O3 PO4 K . -38.87 17.78 -2.65
O4 PO4 K . -36.40 17.64 -2.92
C FMT L . -13.73 -1.40 21.62
O1 FMT L . -13.17 -0.33 21.42
O2 FMT L . -14.90 -1.57 22.25
C FMT M . -2.93 0.50 3.95
O1 FMT M . -3.87 -0.16 3.57
O2 FMT M . -2.91 1.79 4.09
C4 YQI N . -13.31 7.90 0.40
C5 YQI N . -13.74 9.29 0.71
C6 YQI N . -13.68 9.94 1.94
C7 YQI N . -14.16 11.21 1.72
C8 YQI N . -11.51 5.82 -0.72
N1 YQI N . -13.32 7.51 -0.89
N2 YQI N . -14.44 11.30 0.41
C3 YQI N . -12.89 6.17 -1.29
N3 YQI N . -14.21 10.13 -0.23
C1 YQI N . -12.18 7.16 -3.56
C2 YQI N . -12.89 6.02 -2.82
O1 YQI N . -12.93 7.14 1.30
O2 YQI N . -11.22 4.60 -0.59
O3 YQI N . -10.75 6.78 -0.45
C FMT O . -14.50 1.71 -1.87
O1 FMT O . -14.99 1.00 -2.73
O2 FMT O . -14.32 1.42 -0.59
S DMS P . 27.76 0.34 -20.47
O DMS P . 28.43 -0.87 -19.85
C1 DMS P . 28.20 0.31 -22.19
C2 DMS P . 28.76 1.72 -20.03
C FMT Q . 19.00 -18.72 10.46
O1 FMT Q . 19.45 -18.43 11.56
O2 FMT Q . 18.25 -17.96 9.71
C FMT R . 31.53 1.26 21.47
O1 FMT R . 30.42 1.59 21.15
O2 FMT R . 32.59 1.55 20.79
C FMT S . 15.34 -13.10 10.97
O1 FMT S . 15.93 -13.85 11.72
O2 FMT S . 14.44 -13.47 10.12
C FMT T . 7.03 -11.97 -14.88
O1 FMT T . 7.04 -13.18 -14.79
O2 FMT T . 7.90 -11.17 -14.33
C FMT U . 30.06 -13.83 6.00
O1 FMT U . 29.78 -12.95 5.20
O2 FMT U . 30.68 -13.64 7.13
S DMS V . 39.84 21.02 -1.31
O DMS V . 39.92 22.36 -2.02
C1 DMS V . 39.54 21.40 0.39
C2 DMS V . 41.51 20.43 -1.14
S DMS W . 14.51 24.21 -13.55
O DMS W . 15.54 24.25 -14.65
C1 DMS W . 13.95 22.53 -13.46
C2 DMS W . 13.04 24.95 -14.22
C FMT X . 41.85 1.72 12.77
O1 FMT X . 41.52 2.45 13.69
O2 FMT X . 41.01 1.10 11.99
C FMT Y . 18.95 21.53 6.69
O1 FMT Y . 20.12 21.85 6.60
O2 FMT Y . 18.02 21.60 5.72
C FMT Z . 27.23 22.40 16.44
O1 FMT Z . 27.72 21.39 15.95
O2 FMT Z . 26.27 23.09 15.90
C4 YQI AA . 37.04 8.50 0.72
C5 YQI AA . 37.60 9.29 -0.40
C6 YQI AA . 37.40 10.65 -0.69
C7 YQI AA . 38.11 10.90 -1.82
C8 YQI AA . 37.19 6.97 3.36
N1 YQI AA . 37.54 7.27 0.91
N2 YQI AA . 38.71 9.75 -2.17
C3 YQI AA . 37.02 6.39 1.94
N3 YQI AA . 38.41 8.76 -1.31
C1 YQI AA . 39.14 4.99 2.15
C2 YQI AA . 37.67 5.00 1.83
O1 YQI AA . 36.15 8.97 1.45
O2 YQI AA . 36.42 6.56 4.29
O3 YQI AA . 38.07 7.83 3.48
C FMT BA . 33.44 3.11 2.97
O1 FMT BA . 33.30 1.89 2.95
O2 FMT BA . 32.64 3.98 3.55
CL CL CA . 46.46 1.15 6.07
#